data_8Q4L
#
_entry.id   8Q4L
#
loop_
_entity.id
_entity.type
_entity.pdbx_description
1 polymer 'Guanylate-binding protein 1'
2 polymer '14-3-3 protein sigma'
#
loop_
_entity_poly.entity_id
_entity_poly.type
_entity_poly.pdbx_seq_one_letter_code
_entity_poly.pdbx_strand_id
1 'polypeptide(L)'
;MTGPMCLIENTNGRLMANPEALKILSAITQPMVVVAIVGLYRTGKSYLMNKLAGKKKGFSLGSTVQSHTKGIWMWCVPHP
KKPGHILVLLDTEGLGDVEKGDNQNDSWIFALAVLLSSTFVYNSIGTINQQAMDQLYYVTELTHRIRSKSSPDENENEVE
DSADFVSFFPDFVWTLRDFSLDLEADGQPLTPDEYLTYSLKLKKGTSQKDETFNLPRLCIRKFFPKKKCFVFDRPVHRRK
LAQLEKLQDEELDPEFVQQVADFCSYIFSNSKTKTLSGGIQVNGPRLESLVLTYVNAISSGDLPCMENAVLALAQIENSA
AVQKAIAHYEQQMGQKVQLPTETLQELLDLHRDSEREAIEVFIRSSFKDVDHLFQKELAAQLEKKRDDFCKQNQEASSDR
CSALLQVIFSPLEEEVKAGIYSKPGGYRLFVQKLQDLKKKYYEEPRKGIQAEEILQTYLKSKESMTDAILQTDQTLTEKE
KEIEVERVKAESAQASAKMLQEMQRKNEQMMEQKERSYQEHLKQLTEKMENDRVQLLKEQERTLALKLQEQEQLLKEGFQ
KESRIMKNEIQDLQTKM
;
A
2 'polypeptide(L)'
;MERASLIQKAKLAEQAERYEDMAAFMKGAVEKGEELSCEERNLLSVAYKNVVGGQRAAWRVLSSIEQKSNEEGSEEKGPE
VREYREKVETELQGVCDTVLGLLDSHLIKEAGDAESRVFYLKMKGDYYRYLAEVATGDDKKRIIDSARSAYQEAMDISKK
EMPPTNPIRLGLALNFSVFHYEIANSPEEAISLAKTTFDEAMADLHTLSEDSYKDSTLIMQLLRDNLTLWT
;
B,C
#
# COMPACT_ATOMS: atom_id res chain seq x y z
N MET A 1 23.75 -17.29 -23.03
CA MET A 1 24.03 -16.06 -23.84
C MET A 1 25.52 -15.76 -23.90
N THR A 2 26.09 -15.84 -25.10
CA THR A 2 27.51 -15.55 -25.29
C THR A 2 27.75 -14.07 -25.07
N GLY A 3 26.70 -13.27 -25.29
CA GLY A 3 26.81 -11.84 -25.11
C GLY A 3 25.47 -11.16 -24.95
N PRO A 4 25.44 -9.86 -24.61
CA PRO A 4 24.16 -9.16 -24.45
C PRO A 4 23.37 -9.03 -25.73
N MET A 5 22.07 -8.77 -25.58
CA MET A 5 21.15 -8.61 -26.68
C MET A 5 20.21 -7.46 -26.32
N CYS A 6 19.73 -6.73 -27.31
CA CYS A 6 18.81 -5.63 -27.04
C CYS A 6 17.46 -6.23 -26.64
N LEU A 7 16.93 -5.81 -25.51
CA LEU A 7 15.63 -6.29 -25.03
C LEU A 7 14.53 -5.35 -25.47
N ILE A 8 14.73 -4.06 -25.25
CA ILE A 8 13.75 -3.05 -25.66
C ILE A 8 14.45 -2.05 -26.57
N GLU A 9 13.97 -2.00 -27.81
CA GLU A 9 14.51 -1.09 -28.81
C GLU A 9 13.91 0.29 -28.66
N ASN A 10 14.68 1.33 -28.96
CA ASN A 10 14.19 2.70 -28.89
C ASN A 10 14.54 3.35 -30.23
N THR A 11 13.59 3.36 -31.15
CA THR A 11 13.81 3.93 -32.47
C THR A 11 12.69 4.86 -32.89
N ASN A 12 13.06 6.04 -33.38
CA ASN A 12 12.09 7.03 -33.83
C ASN A 12 11.07 7.38 -32.76
N GLY A 13 11.52 7.44 -31.51
CA GLY A 13 10.63 7.79 -30.42
C GLY A 13 9.73 6.67 -29.92
N ARG A 14 9.89 5.47 -30.49
CA ARG A 14 9.08 4.34 -30.09
C ARG A 14 9.86 3.24 -29.38
N LEU A 15 9.30 2.75 -28.29
CA LEU A 15 9.92 1.66 -27.53
C LEU A 15 9.21 0.38 -27.93
N MET A 16 9.96 -0.66 -28.26
CA MET A 16 9.35 -1.91 -28.63
C MET A 16 10.19 -3.10 -28.22
N ALA A 17 9.52 -4.13 -27.73
CA ALA A 17 10.19 -5.34 -27.30
C ALA A 17 10.81 -6.07 -28.48
N ASN A 18 12.04 -6.52 -28.30
CA ASN A 18 12.75 -7.26 -29.34
C ASN A 18 12.26 -8.71 -29.29
N PRO A 19 11.57 -9.17 -30.34
CA PRO A 19 11.07 -10.54 -30.35
C PRO A 19 12.15 -11.60 -30.10
N GLU A 20 13.34 -11.37 -30.62
CA GLU A 20 14.44 -12.31 -30.43
C GLU A 20 14.82 -12.41 -28.96
N ALA A 21 14.74 -11.30 -28.25
CA ALA A 21 15.08 -11.29 -26.83
C ALA A 21 13.99 -11.99 -26.03
N LEU A 22 12.73 -11.75 -26.40
CA LEU A 22 11.62 -12.37 -25.70
C LEU A 22 11.72 -13.88 -25.84
N LYS A 23 12.15 -14.33 -27.01
CA LYS A 23 12.30 -15.76 -27.27
C LYS A 23 13.34 -16.38 -26.34
N ILE A 24 14.45 -15.68 -26.13
CA ILE A 24 15.49 -16.17 -25.24
C ILE A 24 14.94 -16.26 -23.82
N LEU A 25 14.18 -15.26 -23.40
CA LEU A 25 13.60 -15.26 -22.06
C LEU A 25 12.63 -16.42 -21.84
N SER A 26 11.83 -16.73 -22.86
CA SER A 26 10.86 -17.80 -22.74
C SER A 26 11.54 -19.13 -22.41
N ALA A 27 12.83 -19.24 -22.72
CA ALA A 27 13.56 -20.48 -22.49
C ALA A 27 14.28 -20.59 -21.14
N ILE A 28 14.35 -19.49 -20.40
CA ILE A 28 15.02 -19.51 -19.09
C ILE A 28 13.99 -19.70 -17.98
N THR A 29 13.93 -20.92 -17.44
CA THR A 29 12.96 -21.26 -16.41
C THR A 29 13.41 -21.02 -14.96
N GLN A 30 14.69 -20.76 -14.76
CA GLN A 30 15.20 -20.53 -13.41
C GLN A 30 14.90 -19.13 -12.89
N PRO A 31 14.82 -18.99 -11.55
CA PRO A 31 14.55 -17.69 -10.90
C PRO A 31 15.63 -16.68 -11.27
N MET A 32 15.23 -15.42 -11.40
CA MET A 32 16.17 -14.39 -11.80
C MET A 32 16.35 -13.23 -10.82
N VAL A 33 17.59 -12.77 -10.68
CA VAL A 33 17.92 -11.60 -9.87
C VAL A 33 18.20 -10.60 -10.98
N VAL A 34 17.41 -9.53 -11.02
CA VAL A 34 17.57 -8.53 -12.08
C VAL A 34 18.21 -7.25 -11.57
N VAL A 35 19.32 -6.87 -12.18
CA VAL A 35 20.04 -5.68 -11.79
C VAL A 35 20.09 -4.72 -12.98
N ALA A 36 19.52 -3.53 -12.80
CA ALA A 36 19.50 -2.53 -13.87
C ALA A 36 20.34 -1.32 -13.47
N ILE A 37 20.97 -0.68 -14.45
CA ILE A 37 21.76 0.50 -14.19
C ILE A 37 21.25 1.65 -15.07
N VAL A 38 21.18 2.83 -14.48
CA VAL A 38 20.72 4.03 -15.17
C VAL A 38 21.57 5.23 -14.74
N GLY A 39 21.55 6.27 -15.57
CA GLY A 39 22.30 7.47 -15.26
C GLY A 39 22.66 8.24 -16.52
N LEU A 40 23.22 9.42 -16.32
CA LEU A 40 23.63 10.27 -17.43
C LEU A 40 24.54 9.50 -18.39
N TYR A 41 24.45 9.82 -19.68
CA TYR A 41 25.28 9.15 -20.67
C TYR A 41 26.75 9.45 -20.39
N ARG A 42 27.62 8.56 -20.87
CA ARG A 42 29.07 8.68 -20.71
C ARG A 42 29.55 8.70 -19.25
N THR A 43 28.88 7.95 -18.37
CA THR A 43 29.30 7.91 -16.97
C THR A 43 29.87 6.57 -16.56
N GLY A 44 30.17 5.73 -17.56
CA GLY A 44 30.74 4.41 -17.29
C GLY A 44 29.76 3.35 -16.83
N LYS A 45 28.51 3.47 -17.22
CA LYS A 45 27.51 2.48 -16.83
C LYS A 45 27.77 1.11 -17.44
N SER A 46 27.95 1.07 -18.77
CA SER A 46 28.18 -0.19 -19.45
C SER A 46 29.45 -0.85 -18.93
N TYR A 47 30.49 -0.05 -18.69
CA TYR A 47 31.75 -0.58 -18.18
C TYR A 47 31.55 -1.28 -16.83
N LEU A 48 30.78 -0.65 -15.95
CA LEU A 48 30.54 -1.22 -14.63
C LEU A 48 29.70 -2.49 -14.72
N MET A 49 28.70 -2.48 -15.61
CA MET A 49 27.86 -3.66 -15.77
C MET A 49 28.67 -4.84 -16.27
N ASN A 50 29.71 -4.59 -17.06
CA ASN A 50 30.53 -5.70 -17.53
C ASN A 50 31.30 -6.32 -16.37
N LYS A 51 31.57 -5.53 -15.32
CA LYS A 51 32.27 -6.05 -14.16
C LYS A 51 31.38 -7.07 -13.44
N LEU A 52 30.07 -6.79 -13.41
CA LEU A 52 29.13 -7.70 -12.76
C LEU A 52 29.01 -9.01 -13.53
N ALA A 53 29.20 -8.93 -14.85
CA ALA A 53 29.15 -10.11 -15.69
C ALA A 53 30.46 -10.84 -15.46
N ASP A 106 13.62 9.12 -22.22
CA ASP A 106 14.49 9.01 -21.04
C ASP A 106 13.69 8.55 -19.82
N SER A 107 12.59 9.25 -19.55
CA SER A 107 11.74 8.94 -18.40
C SER A 107 11.17 7.52 -18.42
N TRP A 108 10.79 7.05 -19.61
CA TRP A 108 10.24 5.71 -19.75
C TRP A 108 11.30 4.65 -19.53
N ILE A 109 12.50 4.89 -20.04
CA ILE A 109 13.60 3.94 -19.86
C ILE A 109 13.85 3.82 -18.36
N PHE A 110 13.90 4.97 -17.69
CA PHE A 110 14.11 5.03 -16.26
C PHE A 110 13.01 4.23 -15.54
N ALA A 111 11.76 4.49 -15.89
CA ALA A 111 10.62 3.80 -15.27
C ALA A 111 10.63 2.29 -15.51
N LEU A 112 10.95 1.88 -16.74
CA LEU A 112 11.01 0.45 -17.06
C LEU A 112 12.11 -0.22 -16.22
N ALA A 113 13.24 0.46 -16.06
CA ALA A 113 14.33 -0.09 -15.27
C ALA A 113 13.85 -0.34 -13.83
N VAL A 114 13.05 0.58 -13.30
CA VAL A 114 12.54 0.42 -11.95
C VAL A 114 11.56 -0.77 -11.87
N LEU A 115 10.65 -0.85 -12.84
CA LEU A 115 9.66 -1.92 -12.86
C LEU A 115 10.20 -3.32 -13.08
N LEU A 116 11.27 -3.43 -13.86
CA LEU A 116 11.82 -4.74 -14.18
C LEU A 116 12.89 -5.27 -13.25
N SER A 117 13.46 -4.41 -12.42
CA SER A 117 14.57 -4.83 -11.56
C SER A 117 14.32 -5.24 -10.12
N SER A 118 15.33 -5.93 -9.57
CA SER A 118 15.37 -6.38 -8.18
C SER A 118 16.20 -5.31 -7.48
N THR A 119 17.24 -4.86 -8.18
CA THR A 119 18.16 -3.83 -7.68
C THR A 119 18.33 -2.80 -8.78
N PHE A 120 18.17 -1.53 -8.39
CA PHE A 120 18.24 -0.40 -9.30
C PHE A 120 19.47 0.42 -8.99
N VAL A 121 20.42 0.46 -9.91
CA VAL A 121 21.65 1.21 -9.70
C VAL A 121 21.65 2.54 -10.44
N TYR A 122 21.70 3.62 -9.68
CA TYR A 122 21.75 4.96 -10.25
C TYR A 122 23.20 5.39 -10.23
N ASN A 123 23.75 5.63 -11.41
CA ASN A 123 25.15 5.96 -11.57
C ASN A 123 25.39 7.42 -11.97
N SER A 124 26.29 8.09 -11.26
CA SER A 124 26.60 9.48 -11.60
C SER A 124 28.06 9.79 -11.33
N ILE A 125 28.53 10.88 -11.92
CA ILE A 125 29.92 11.31 -11.75
C ILE A 125 29.96 12.46 -10.76
N GLY A 126 30.90 12.38 -9.82
CA GLY A 126 31.06 13.46 -8.86
C GLY A 126 30.54 13.20 -7.47
N THR A 127 29.89 14.21 -6.92
CA THR A 127 29.34 14.16 -5.57
C THR A 127 27.84 14.35 -5.64
N ILE A 128 27.19 14.33 -4.47
CA ILE A 128 25.75 14.54 -4.43
C ILE A 128 25.52 15.99 -4.02
N ASN A 129 25.50 16.87 -5.02
CA ASN A 129 25.28 18.30 -4.78
C ASN A 129 24.00 18.72 -5.47
N GLN A 130 23.74 20.02 -5.52
CA GLN A 130 22.52 20.50 -6.17
C GLN A 130 22.44 20.07 -7.62
N GLN A 131 23.55 20.16 -8.33
CA GLN A 131 23.60 19.78 -9.73
C GLN A 131 23.19 18.32 -9.90
N ALA A 132 23.71 17.46 -9.03
CA ALA A 132 23.39 16.06 -9.09
C ALA A 132 21.93 15.77 -8.75
N MET A 133 21.41 16.47 -7.75
CA MET A 133 20.02 16.25 -7.35
C MET A 133 19.02 16.75 -8.38
N ASP A 134 19.41 17.73 -9.21
CA ASP A 134 18.48 18.23 -10.23
C ASP A 134 18.20 17.13 -11.24
N GLN A 135 19.20 16.28 -11.48
CA GLN A 135 19.04 15.19 -12.42
C GLN A 135 18.12 14.10 -11.87
N LEU A 136 17.89 14.10 -10.57
CA LEU A 136 17.02 13.10 -9.97
C LEU A 136 15.54 13.41 -10.13
N TYR A 137 15.22 14.38 -10.97
CA TYR A 137 13.82 14.69 -11.22
C TYR A 137 13.25 13.41 -11.85
N TYR A 138 14.10 12.63 -12.49
CA TYR A 138 13.64 11.39 -13.10
C TYR A 138 13.02 10.46 -12.07
N VAL A 139 13.46 10.55 -10.81
CA VAL A 139 12.89 9.72 -9.77
C VAL A 139 11.58 10.35 -9.30
N THR A 140 11.60 11.67 -9.15
CA THR A 140 10.40 12.37 -8.71
C THR A 140 9.26 12.13 -9.69
N GLU A 141 9.60 12.13 -10.97
CA GLU A 141 8.65 11.94 -12.07
C GLU A 141 8.05 10.54 -12.14
N LEU A 142 8.54 9.60 -11.33
CA LEU A 142 8.00 8.26 -11.34
C LEU A 142 6.51 8.25 -10.97
N THR A 143 6.08 9.23 -10.17
CA THR A 143 4.67 9.27 -9.76
C THR A 143 3.76 9.59 -10.95
N HIS A 144 4.37 10.05 -12.04
CA HIS A 144 3.62 10.39 -13.25
C HIS A 144 3.81 9.33 -14.33
N ARG A 145 4.68 8.35 -14.06
CA ARG A 145 4.97 7.32 -15.04
C ARG A 145 4.52 5.92 -14.67
N ILE A 146 4.45 5.65 -13.37
CA ILE A 146 4.07 4.32 -12.89
C ILE A 146 2.83 4.34 -12.01
N ARG A 147 1.96 3.36 -12.21
CA ARG A 147 0.76 3.21 -11.40
C ARG A 147 0.89 1.89 -10.66
N SER A 148 0.55 1.91 -9.37
CA SER A 148 0.64 0.71 -8.55
C SER A 148 -0.59 -0.16 -8.78
N LYS A 149 -1.76 0.47 -8.77
CA LYS A 149 -3.03 -0.22 -8.98
C LYS A 149 -3.94 0.56 -9.93
N SER A 150 -4.95 -0.11 -10.48
CA SER A 150 -5.88 0.53 -11.40
C SER A 150 -7.30 0.48 -10.85
N SER A 151 -7.45 -0.09 -9.66
CA SER A 151 -8.74 -0.21 -9.00
C SER A 151 -8.91 0.93 -7.99
N VAL A 159 -1.05 11.30 -5.98
CA VAL A 159 -0.55 11.86 -4.70
C VAL A 159 -0.59 10.84 -3.60
N GLU A 160 -1.21 9.69 -3.87
CA GLU A 160 -1.28 8.63 -2.88
C GLU A 160 -0.96 7.26 -3.47
N ASP A 161 -1.05 7.13 -4.78
CA ASP A 161 -0.75 5.84 -5.42
C ASP A 161 0.73 5.53 -5.18
N SER A 162 1.54 6.58 -5.16
CA SER A 162 2.98 6.44 -4.95
C SER A 162 3.29 5.89 -3.56
N ALA A 163 2.31 5.94 -2.65
CA ALA A 163 2.52 5.43 -1.30
C ALA A 163 2.72 3.92 -1.35
N ASP A 164 2.35 3.31 -2.47
CA ASP A 164 2.50 1.87 -2.64
C ASP A 164 3.84 1.47 -3.26
N PHE A 165 4.57 2.45 -3.78
CA PHE A 165 5.84 2.15 -4.44
C PHE A 165 6.81 1.34 -3.60
N VAL A 166 6.96 1.70 -2.34
CA VAL A 166 7.91 1.01 -1.48
C VAL A 166 7.64 -0.47 -1.33
N SER A 167 6.40 -0.90 -1.60
CA SER A 167 6.07 -2.31 -1.47
C SER A 167 6.61 -3.18 -2.61
N PHE A 168 6.86 -2.59 -3.78
CA PHE A 168 7.35 -3.39 -4.91
C PHE A 168 8.59 -2.85 -5.64
N PHE A 169 9.04 -1.65 -5.27
CA PHE A 169 10.22 -1.05 -5.90
C PHE A 169 11.47 -1.84 -5.54
N PRO A 170 12.50 -1.76 -6.40
CA PRO A 170 13.78 -2.44 -6.20
C PRO A 170 14.61 -1.74 -5.14
N ASP A 171 15.65 -2.41 -4.65
CA ASP A 171 16.52 -1.74 -3.69
C ASP A 171 17.31 -0.73 -4.53
N PHE A 172 17.68 0.37 -3.91
CA PHE A 172 18.37 1.46 -4.60
C PHE A 172 19.86 1.51 -4.27
N VAL A 173 20.70 1.62 -5.29
CA VAL A 173 22.15 1.73 -5.06
C VAL A 173 22.67 2.93 -5.86
N TRP A 174 23.33 3.85 -5.17
CA TRP A 174 23.87 5.02 -5.86
C TRP A 174 25.37 4.81 -6.01
N THR A 175 25.83 4.75 -7.26
CA THR A 175 27.26 4.60 -7.49
C THR A 175 27.81 5.96 -7.94
N LEU A 176 28.75 6.48 -7.17
CA LEU A 176 29.35 7.79 -7.46
C LEU A 176 30.73 7.61 -8.06
N ARG A 177 30.88 7.99 -9.33
CA ARG A 177 32.13 7.82 -10.06
C ARG A 177 33.07 9.03 -9.96
N ASP A 178 34.37 8.78 -10.13
CA ASP A 178 35.39 9.82 -10.04
C ASP A 178 35.16 10.67 -8.78
N PHE A 179 34.78 9.99 -7.69
CA PHE A 179 34.47 10.66 -6.43
C PHE A 179 35.64 11.53 -5.97
N SER A 180 35.33 12.78 -5.59
CA SER A 180 36.36 13.74 -5.20
C SER A 180 36.48 14.13 -3.73
N LEU A 181 35.63 13.57 -2.88
CA LEU A 181 35.65 13.93 -1.46
C LEU A 181 36.38 12.92 -0.59
N ASP A 182 37.04 13.40 0.45
CA ASP A 182 37.75 12.51 1.36
C ASP A 182 36.82 12.02 2.47
N LEU A 183 35.65 12.64 2.56
CA LEU A 183 34.65 12.28 3.57
C LEU A 183 35.15 12.43 5.00
N GLU A 184 36.20 13.21 5.18
CA GLU A 184 36.76 13.44 6.50
C GLU A 184 35.73 14.05 7.44
N ALA A 185 35.80 13.67 8.71
CA ALA A 185 34.88 14.18 9.72
C ALA A 185 35.52 14.03 11.09
N ASP A 186 35.02 14.80 12.05
CA ASP A 186 35.54 14.75 13.42
C ASP A 186 35.57 13.31 13.91
N GLY A 187 36.70 12.90 14.49
CA GLY A 187 36.82 11.54 14.99
C GLY A 187 37.29 10.58 13.91
N GLN A 188 36.41 10.28 12.96
CA GLN A 188 36.75 9.40 11.86
C GLN A 188 35.88 9.75 10.66
N PRO A 189 36.33 9.39 9.45
CA PRO A 189 35.58 9.69 8.23
C PRO A 189 34.22 9.02 8.08
N LEU A 190 33.36 9.62 7.28
CA LEU A 190 32.04 9.06 7.02
C LEU A 190 32.21 7.92 6.04
N THR A 191 31.36 6.90 6.16
CA THR A 191 31.40 5.78 5.22
C THR A 191 30.51 6.25 4.07
N PRO A 192 30.62 5.62 2.90
CA PRO A 192 29.76 6.08 1.80
C PRO A 192 28.28 6.01 2.13
N ASP A 193 27.87 5.02 2.92
CA ASP A 193 26.46 4.93 3.29
C ASP A 193 26.04 6.09 4.19
N GLU A 194 26.93 6.50 5.08
CA GLU A 194 26.62 7.62 5.97
C GLU A 194 26.60 8.89 5.12
N TYR A 195 27.45 8.93 4.09
CA TYR A 195 27.51 10.09 3.20
C TYR A 195 26.18 10.19 2.45
N LEU A 196 25.62 9.05 2.06
CA LEU A 196 24.33 9.08 1.36
C LEU A 196 23.25 9.61 2.32
N THR A 197 23.27 9.14 3.56
CA THR A 197 22.29 9.61 4.55
C THR A 197 22.43 11.13 4.72
N TYR A 198 23.67 11.59 4.86
CA TYR A 198 23.96 13.00 5.02
C TYR A 198 23.42 13.81 3.83
N SER A 199 23.64 13.27 2.64
CA SER A 199 23.21 13.91 1.40
C SER A 199 21.70 13.95 1.17
N LEU A 200 20.97 13.02 1.77
CA LEU A 200 19.52 13.01 1.60
C LEU A 200 18.78 13.67 2.76
N LYS A 201 19.52 14.31 3.66
CA LYS A 201 18.86 14.99 4.77
C LYS A 201 18.08 16.18 4.21
N LEU A 202 16.94 16.49 4.83
CA LEU A 202 16.10 17.57 4.34
C LEU A 202 16.47 18.95 4.87
N LYS A 203 15.90 19.97 4.25
CA LYS A 203 16.14 21.36 4.65
C LYS A 203 14.83 21.95 5.14
N LYS A 204 14.88 22.64 6.27
CA LYS A 204 13.67 23.27 6.82
C LYS A 204 13.24 24.45 5.97
N GLY A 205 11.94 24.69 5.93
CA GLY A 205 11.42 25.81 5.15
C GLY A 205 10.30 25.39 4.20
N THR A 206 9.46 26.35 3.84
CA THR A 206 8.34 26.08 2.94
C THR A 206 8.44 26.85 1.62
N SER A 207 9.58 27.46 1.37
CA SER A 207 9.78 28.22 0.14
C SER A 207 9.86 27.25 -1.04
N GLN A 208 9.66 27.79 -2.24
CA GLN A 208 9.70 26.99 -3.45
C GLN A 208 11.08 26.33 -3.56
N LYS A 209 12.10 27.04 -3.14
CA LYS A 209 13.47 26.54 -3.18
C LYS A 209 13.61 25.37 -2.22
N ASP A 210 13.03 25.51 -1.04
CA ASP A 210 13.07 24.46 -0.01
C ASP A 210 12.35 23.20 -0.49
N GLU A 211 11.19 23.37 -1.09
CA GLU A 211 10.40 22.25 -1.59
C GLU A 211 11.12 21.50 -2.71
N THR A 212 11.81 22.26 -3.56
CA THR A 212 12.55 21.70 -4.67
C THR A 212 13.75 20.89 -4.16
N PHE A 213 14.37 21.39 -3.09
CA PHE A 213 15.53 20.72 -2.50
C PHE A 213 15.11 19.39 -1.87
N ASN A 214 13.99 19.42 -1.15
CA ASN A 214 13.50 18.24 -0.45
C ASN A 214 12.82 17.18 -1.30
N LEU A 215 12.10 17.58 -2.35
CA LEU A 215 11.36 16.64 -3.17
C LEU A 215 12.08 15.38 -3.65
N PRO A 216 13.19 15.52 -4.38
CA PRO A 216 13.87 14.30 -4.83
C PRO A 216 14.43 13.47 -3.69
N ARG A 217 14.86 14.12 -2.62
CA ARG A 217 15.39 13.40 -1.47
C ARG A 217 14.27 12.61 -0.84
N LEU A 218 13.10 13.23 -0.68
CA LEU A 218 11.96 12.52 -0.12
C LEU A 218 11.54 11.35 -0.99
N CYS A 219 11.58 11.53 -2.32
CA CYS A 219 11.20 10.45 -3.22
C CYS A 219 12.13 9.24 -3.07
N ILE A 220 13.44 9.49 -3.02
CA ILE A 220 14.37 8.39 -2.86
C ILE A 220 14.15 7.67 -1.54
N ARG A 221 13.98 8.46 -0.48
CA ARG A 221 13.79 7.90 0.86
C ARG A 221 12.48 7.16 1.05
N LYS A 222 11.43 7.60 0.36
CA LYS A 222 10.12 6.97 0.51
C LYS A 222 9.71 5.92 -0.51
N PHE A 223 10.24 6.01 -1.74
CA PHE A 223 9.88 5.06 -2.79
C PHE A 223 10.64 3.74 -2.79
N PHE A 224 11.92 3.79 -2.42
CA PHE A 224 12.74 2.58 -2.41
C PHE A 224 12.85 1.98 -1.01
N PRO A 225 12.71 0.66 -0.90
CA PRO A 225 12.78 -0.01 0.42
C PRO A 225 14.14 -0.02 1.12
N LYS A 226 15.21 0.01 0.33
CA LYS A 226 16.55 -0.02 0.89
C LYS A 226 17.45 0.85 0.03
N LYS A 227 18.42 1.52 0.64
CA LYS A 227 19.35 2.36 -0.09
C LYS A 227 20.77 2.00 0.28
N LYS A 228 21.67 2.08 -0.70
CA LYS A 228 23.08 1.76 -0.49
C LYS A 228 23.90 2.71 -1.36
N CYS A 229 25.13 3.01 -0.92
CA CYS A 229 25.98 3.89 -1.70
C CYS A 229 27.39 3.33 -1.83
N PHE A 230 27.96 3.51 -3.01
CA PHE A 230 29.33 3.09 -3.29
C PHE A 230 30.03 4.23 -4.01
N VAL A 231 31.25 4.54 -3.58
CA VAL A 231 32.02 5.58 -4.24
C VAL A 231 33.15 4.90 -5.00
N PHE A 232 33.56 5.52 -6.09
CA PHE A 232 34.62 5.00 -6.94
C PHE A 232 35.58 6.11 -7.31
N PHE A 256 40.27 1.78 -6.74
CA PHE A 256 39.14 1.66 -7.66
C PHE A 256 38.85 0.19 -7.90
N VAL A 257 39.91 -0.59 -8.11
CA VAL A 257 39.73 -2.02 -8.33
C VAL A 257 39.00 -2.67 -7.16
N GLN A 258 39.37 -2.29 -5.94
CA GLN A 258 38.74 -2.84 -4.75
C GLN A 258 37.32 -2.33 -4.57
N GLN A 259 37.07 -1.08 -4.96
CA GLN A 259 35.73 -0.51 -4.84
C GLN A 259 34.78 -1.26 -5.77
N VAL A 260 35.25 -1.56 -6.98
CA VAL A 260 34.44 -2.30 -7.94
C VAL A 260 34.20 -3.70 -7.37
N ALA A 261 35.25 -4.31 -6.81
CA ALA A 261 35.09 -5.65 -6.24
C ALA A 261 34.05 -5.65 -5.11
N ASP A 262 34.07 -4.61 -4.27
CA ASP A 262 33.13 -4.55 -3.16
C ASP A 262 31.69 -4.32 -3.65
N PHE A 263 31.55 -3.54 -4.70
CA PHE A 263 30.22 -3.30 -5.28
C PHE A 263 29.66 -4.62 -5.82
N CYS A 264 30.47 -5.33 -6.61
CA CYS A 264 30.02 -6.60 -7.17
C CYS A 264 29.68 -7.60 -6.07
N SER A 265 30.52 -7.70 -5.05
CA SER A 265 30.25 -8.62 -3.96
C SER A 265 28.94 -8.28 -3.27
N TYR A 266 28.66 -7.00 -3.10
CA TYR A 266 27.41 -6.58 -2.46
C TYR A 266 26.22 -7.04 -3.32
N ILE A 267 26.29 -6.78 -4.62
CA ILE A 267 25.22 -7.17 -5.53
C ILE A 267 25.00 -8.68 -5.48
N PHE A 268 26.09 -9.45 -5.59
CA PHE A 268 26.00 -10.90 -5.59
C PHE A 268 25.46 -11.48 -4.29
N SER A 269 25.68 -10.79 -3.17
CA SER A 269 25.21 -11.29 -1.88
C SER A 269 23.90 -10.71 -1.39
N ASN A 270 23.54 -9.51 -1.84
CA ASN A 270 22.32 -8.86 -1.36
C ASN A 270 21.16 -8.72 -2.32
N SER A 271 21.41 -8.68 -3.62
CA SER A 271 20.32 -8.54 -4.58
C SER A 271 19.42 -9.77 -4.51
N LYS A 272 18.13 -9.51 -4.36
CA LYS A 272 17.14 -10.57 -4.23
C LYS A 272 16.49 -10.99 -5.52
N THR A 273 15.94 -12.19 -5.53
CA THR A 273 15.26 -12.69 -6.70
C THR A 273 14.09 -11.74 -6.94
N LYS A 274 13.87 -11.39 -8.21
CA LYS A 274 12.77 -10.49 -8.56
C LYS A 274 11.47 -11.17 -8.16
N THR A 275 10.61 -10.44 -7.47
CA THR A 275 9.35 -10.98 -7.00
C THR A 275 8.16 -10.06 -7.29
N LEU A 276 7.01 -10.67 -7.49
CA LEU A 276 5.77 -9.94 -7.75
C LEU A 276 4.84 -10.20 -6.58
N SER A 277 3.80 -9.39 -6.46
CA SER A 277 2.84 -9.54 -5.37
C SER A 277 2.43 -10.99 -5.20
N GLY A 278 2.49 -11.48 -3.96
CA GLY A 278 2.12 -12.86 -3.70
C GLY A 278 3.30 -13.79 -3.57
N GLY A 279 4.51 -13.23 -3.59
CA GLY A 279 5.70 -14.05 -3.46
C GLY A 279 6.09 -14.76 -4.73
N ILE A 280 5.45 -14.38 -5.83
CA ILE A 280 5.73 -14.97 -7.13
C ILE A 280 7.14 -14.63 -7.56
N GLN A 281 7.96 -15.65 -7.80
CA GLN A 281 9.34 -15.42 -8.22
C GLN A 281 9.41 -15.33 -9.74
N VAL A 282 10.02 -14.26 -10.22
CA VAL A 282 10.14 -14.04 -11.65
C VAL A 282 11.24 -14.84 -12.31
N ASN A 283 10.87 -15.57 -13.36
CA ASN A 283 11.80 -16.36 -14.15
C ASN A 283 11.66 -15.81 -15.57
N GLY A 284 12.33 -16.45 -16.53
CA GLY A 284 12.26 -15.97 -17.90
C GLY A 284 10.88 -15.68 -18.48
N PRO A 285 9.99 -16.69 -18.51
CA PRO A 285 8.64 -16.48 -19.07
C PRO A 285 7.86 -15.38 -18.35
N ARG A 286 8.08 -15.25 -17.05
CA ARG A 286 7.41 -14.22 -16.28
C ARG A 286 7.94 -12.83 -16.60
N LEU A 287 9.26 -12.70 -16.73
CA LEU A 287 9.86 -11.42 -17.08
C LEU A 287 9.40 -11.03 -18.49
N GLU A 288 9.32 -12.02 -19.38
CA GLU A 288 8.88 -11.76 -20.75
C GLU A 288 7.48 -11.13 -20.73
N SER A 289 6.61 -11.66 -19.86
CA SER A 289 5.25 -11.16 -19.73
C SER A 289 5.25 -9.71 -19.24
N LEU A 290 6.06 -9.42 -18.22
CA LEU A 290 6.13 -8.07 -17.69
C LEU A 290 6.59 -7.09 -18.76
N VAL A 291 7.64 -7.46 -19.50
CA VAL A 291 8.17 -6.60 -20.55
C VAL A 291 7.08 -6.27 -21.58
N LEU A 292 6.40 -7.30 -22.06
CA LEU A 292 5.35 -7.11 -23.05
C LEU A 292 4.22 -6.20 -22.52
N THR A 293 3.75 -6.46 -21.32
CA THR A 293 2.68 -5.67 -20.74
C THR A 293 3.04 -4.19 -20.56
N TYR A 294 4.19 -3.93 -19.96
CA TYR A 294 4.63 -2.55 -19.71
C TYR A 294 4.96 -1.78 -20.99
N VAL A 295 5.64 -2.42 -21.94
CA VAL A 295 5.98 -1.76 -23.19
C VAL A 295 4.71 -1.54 -24.02
N ASN A 296 3.79 -2.49 -23.97
CA ASN A 296 2.54 -2.34 -24.71
C ASN A 296 1.75 -1.17 -24.13
N ALA A 297 1.81 -1.01 -22.81
CA ALA A 297 1.10 0.08 -22.15
C ALA A 297 1.67 1.41 -22.60
N ILE A 298 3.00 1.54 -22.59
CA ILE A 298 3.64 2.78 -23.02
C ILE A 298 3.31 3.08 -24.48
N SER A 299 3.33 2.03 -25.32
CA SER A 299 3.06 2.17 -26.74
C SER A 299 1.59 2.55 -26.99
N SER A 300 0.73 2.21 -26.05
CA SER A 300 -0.70 2.51 -26.16
C SER A 300 -1.00 3.92 -25.67
N GLY A 301 -0.03 4.55 -25.04
CA GLY A 301 -0.23 5.89 -24.52
C GLY A 301 -0.79 5.84 -23.11
N ASP A 302 -0.68 4.67 -22.48
CA ASP A 302 -1.18 4.47 -21.13
C ASP A 302 0.01 4.34 -20.17
N LEU A 303 -0.27 4.32 -18.87
CA LEU A 303 0.79 4.22 -17.89
C LEU A 303 0.98 2.77 -17.48
N PRO A 304 2.24 2.32 -17.40
CA PRO A 304 2.49 0.93 -17.01
C PRO A 304 1.96 0.78 -15.58
N CYS A 305 1.24 -0.30 -15.33
CA CYS A 305 0.64 -0.54 -14.02
C CYS A 305 1.03 -1.91 -13.49
N MET A 306 1.64 -1.92 -12.30
CA MET A 306 2.09 -3.16 -11.69
C MET A 306 0.95 -4.16 -11.49
N GLU A 307 -0.16 -3.69 -10.94
CA GLU A 307 -1.32 -4.57 -10.70
C GLU A 307 -1.76 -5.23 -12.01
N ASN A 308 -1.93 -4.43 -13.05
CA ASN A 308 -2.35 -4.93 -14.36
C ASN A 308 -1.38 -5.98 -14.89
N ALA A 309 -0.08 -5.78 -14.68
CA ALA A 309 0.92 -6.71 -15.17
C ALA A 309 0.81 -8.06 -14.47
N VAL A 310 0.57 -8.04 -13.16
CA VAL A 310 0.43 -9.28 -12.39
C VAL A 310 -0.79 -10.03 -12.88
N LEU A 311 -1.89 -9.29 -13.08
CA LEU A 311 -3.13 -9.89 -13.55
C LEU A 311 -2.96 -10.45 -14.96
N ALA A 312 -2.23 -9.73 -15.80
CA ALA A 312 -1.99 -10.19 -17.16
C ALA A 312 -1.23 -11.51 -17.10
N LEU A 313 -0.28 -11.59 -16.17
CA LEU A 313 0.51 -12.79 -16.00
C LEU A 313 -0.39 -13.90 -15.49
N ALA A 314 -1.31 -13.56 -14.59
CA ALA A 314 -2.23 -14.54 -14.01
C ALA A 314 -3.09 -15.18 -15.09
N GLN A 315 -3.58 -14.36 -16.01
CA GLN A 315 -4.41 -14.85 -17.11
C GLN A 315 -3.72 -15.98 -17.86
N ILE A 316 -2.43 -15.78 -18.15
CA ILE A 316 -1.64 -16.77 -18.86
C ILE A 316 -1.38 -18.04 -18.06
N GLU A 317 -0.87 -17.88 -16.85
CA GLU A 317 -0.57 -19.04 -16.02
C GLU A 317 -1.80 -19.78 -15.51
N ASN A 318 -2.90 -19.08 -15.26
CA ASN A 318 -4.11 -19.75 -14.78
C ASN A 318 -4.73 -20.58 -15.89
N SER A 319 -4.67 -20.07 -17.13
CA SER A 319 -5.21 -20.80 -18.27
C SER A 319 -4.40 -22.07 -18.44
N ALA A 320 -3.08 -21.97 -18.32
CA ALA A 320 -2.19 -23.11 -18.44
C ALA A 320 -2.42 -24.07 -17.27
N ALA A 321 -2.74 -23.52 -16.10
CA ALA A 321 -2.98 -24.32 -14.90
C ALA A 321 -4.22 -25.20 -15.06
N VAL A 322 -5.26 -24.67 -15.71
CA VAL A 322 -6.47 -25.44 -15.92
C VAL A 322 -6.14 -26.60 -16.87
N GLN A 323 -5.40 -26.30 -17.92
CA GLN A 323 -5.02 -27.34 -18.89
C GLN A 323 -4.16 -28.41 -18.25
N LYS A 324 -3.25 -28.00 -17.38
CA LYS A 324 -2.35 -28.92 -16.70
C LYS A 324 -3.14 -29.81 -15.74
N ALA A 325 -4.12 -29.23 -15.07
CA ALA A 325 -4.94 -29.98 -14.11
C ALA A 325 -5.82 -31.00 -14.85
N ILE A 326 -6.41 -30.60 -15.96
CA ILE A 326 -7.25 -31.51 -16.74
C ILE A 326 -6.40 -32.65 -17.28
N ALA A 327 -5.18 -32.33 -17.70
CA ALA A 327 -4.26 -33.33 -18.21
C ALA A 327 -3.94 -34.35 -17.12
N HIS A 328 -3.75 -33.85 -15.90
CA HIS A 328 -3.44 -34.72 -14.77
C HIS A 328 -4.60 -35.66 -14.46
N TYR A 329 -5.81 -35.11 -14.50
CA TYR A 329 -7.01 -35.90 -14.23
C TYR A 329 -7.11 -37.04 -15.25
N GLU A 330 -7.05 -36.68 -16.53
CA GLU A 330 -7.13 -37.67 -17.61
C GLU A 330 -6.08 -38.75 -17.47
N GLN A 331 -4.86 -38.36 -17.12
CA GLN A 331 -3.77 -39.30 -16.95
C GLN A 331 -4.04 -40.29 -15.82
N GLN A 332 -4.42 -39.77 -14.66
CA GLN A 332 -4.69 -40.64 -13.51
C GLN A 332 -5.86 -41.58 -13.74
N MET A 333 -6.95 -41.07 -14.31
CA MET A 333 -8.10 -41.91 -14.57
C MET A 333 -7.74 -42.99 -15.57
N GLY A 334 -7.01 -42.62 -16.61
CA GLY A 334 -6.63 -43.58 -17.63
C GLY A 334 -5.73 -44.70 -17.14
N GLN A 335 -4.83 -44.36 -16.22
CA GLN A 335 -3.91 -45.35 -15.69
C GLN A 335 -4.53 -46.30 -14.66
N LYS A 336 -5.65 -45.89 -14.08
CA LYS A 336 -6.28 -46.70 -13.03
C LYS A 336 -7.62 -47.36 -13.35
N VAL A 337 -8.39 -46.79 -14.28
CA VAL A 337 -9.70 -47.35 -14.60
C VAL A 337 -9.67 -48.65 -15.41
N GLN A 338 -10.56 -49.57 -15.05
CA GLN A 338 -10.70 -50.83 -15.75
C GLN A 338 -12.21 -50.96 -16.00
N LEU A 339 -12.61 -50.87 -17.26
CA LEU A 339 -14.03 -50.92 -17.60
C LEU A 339 -14.49 -52.27 -18.15
N PRO A 340 -15.70 -52.71 -17.74
CA PRO A 340 -16.58 -51.97 -16.82
C PRO A 340 -16.11 -52.11 -15.37
N THR A 341 -16.41 -51.12 -14.54
CA THR A 341 -16.00 -51.19 -13.13
C THR A 341 -16.89 -52.17 -12.39
N GLU A 342 -16.38 -52.74 -11.31
CA GLU A 342 -17.15 -53.72 -10.52
C GLU A 342 -18.44 -53.06 -10.04
N THR A 343 -18.34 -51.80 -9.64
CA THR A 343 -19.49 -51.06 -9.14
C THR A 343 -19.35 -49.57 -9.47
N LEU A 344 -20.43 -48.82 -9.30
CA LEU A 344 -20.36 -47.39 -9.59
C LEU A 344 -19.46 -46.73 -8.55
N GLN A 345 -19.54 -47.23 -7.31
CA GLN A 345 -18.72 -46.70 -6.22
C GLN A 345 -17.24 -46.76 -6.62
N GLU A 346 -16.84 -47.85 -7.27
CA GLU A 346 -15.46 -48.00 -7.69
C GLU A 346 -15.07 -46.84 -8.62
N LEU A 347 -15.89 -46.60 -9.64
CA LEU A 347 -15.59 -45.53 -10.59
C LEU A 347 -15.62 -44.17 -9.95
N LEU A 348 -16.60 -43.92 -9.09
CA LEU A 348 -16.69 -42.62 -8.45
C LEU A 348 -15.55 -42.39 -7.47
N ASP A 349 -15.10 -43.46 -6.80
CA ASP A 349 -13.99 -43.30 -5.87
C ASP A 349 -12.73 -42.89 -6.64
N LEU A 350 -12.54 -43.48 -7.81
CA LEU A 350 -11.37 -43.16 -8.64
C LEU A 350 -11.49 -41.74 -9.16
N HIS A 351 -12.70 -41.36 -9.54
CA HIS A 351 -12.95 -40.02 -10.05
C HIS A 351 -12.64 -39.00 -8.97
N ARG A 352 -13.15 -39.24 -7.77
CA ARG A 352 -12.95 -38.36 -6.63
C ARG A 352 -11.47 -38.17 -6.34
N ASP A 353 -10.72 -39.26 -6.34
CA ASP A 353 -9.27 -39.20 -6.08
C ASP A 353 -8.51 -38.45 -7.16
N SER A 354 -8.89 -38.69 -8.41
CA SER A 354 -8.24 -38.04 -9.55
C SER A 354 -8.58 -36.55 -9.57
N GLU A 355 -9.83 -36.24 -9.27
CA GLU A 355 -10.31 -34.87 -9.23
C GLU A 355 -9.59 -34.09 -8.13
N ARG A 356 -9.41 -34.73 -6.96
CA ARG A 356 -8.73 -34.06 -5.85
C ARG A 356 -7.30 -33.70 -6.26
N GLU A 357 -6.62 -34.63 -6.92
CA GLU A 357 -5.25 -34.38 -7.37
C GLU A 357 -5.21 -33.30 -8.43
N ALA A 358 -6.20 -33.30 -9.32
CA ALA A 358 -6.26 -32.30 -10.39
C ALA A 358 -6.46 -30.90 -9.83
N ILE A 359 -7.37 -30.78 -8.86
CA ILE A 359 -7.63 -29.49 -8.24
C ILE A 359 -6.37 -28.99 -7.53
N GLU A 360 -5.62 -29.91 -6.94
CA GLU A 360 -4.39 -29.54 -6.24
C GLU A 360 -3.35 -29.02 -7.23
N VAL A 361 -3.32 -29.61 -8.42
CA VAL A 361 -2.40 -29.18 -9.47
C VAL A 361 -2.75 -27.75 -9.85
N PHE A 362 -4.05 -27.50 -10.01
CA PHE A 362 -4.53 -26.17 -10.38
C PHE A 362 -4.22 -25.13 -9.29
N ILE A 363 -4.54 -25.48 -8.05
CA ILE A 363 -4.32 -24.58 -6.94
C ILE A 363 -2.86 -24.16 -6.78
N ARG A 364 -1.94 -25.11 -6.91
CA ARG A 364 -0.52 -24.78 -6.75
C ARG A 364 0.09 -24.06 -7.95
N SER A 365 -0.57 -24.13 -9.09
CA SER A 365 -0.08 -23.50 -10.31
C SER A 365 -0.79 -22.19 -10.66
N SER A 366 -1.77 -21.79 -9.85
CA SER A 366 -2.51 -20.58 -10.13
C SER A 366 -2.36 -19.50 -9.07
N PHE A 367 -2.82 -18.30 -9.41
CA PHE A 367 -2.79 -17.16 -8.51
C PHE A 367 -3.67 -16.05 -9.06
N LYS A 368 -4.19 -15.22 -8.16
CA LYS A 368 -5.06 -14.11 -8.54
C LYS A 368 -6.21 -14.56 -9.43
N ASP A 369 -6.85 -15.67 -9.08
CA ASP A 369 -7.98 -16.15 -9.87
C ASP A 369 -9.24 -15.42 -9.42
N VAL A 370 -9.31 -14.14 -9.79
CA VAL A 370 -10.44 -13.29 -9.43
C VAL A 370 -11.77 -13.94 -9.76
N ASP A 371 -12.70 -13.91 -8.80
CA ASP A 371 -14.02 -14.49 -8.97
C ASP A 371 -13.98 -15.99 -9.19
N HIS A 372 -12.82 -16.61 -8.97
CA HIS A 372 -12.65 -18.04 -9.15
C HIS A 372 -13.13 -18.52 -10.50
N LEU A 373 -13.05 -17.65 -11.50
CA LEU A 373 -13.50 -17.98 -12.85
C LEU A 373 -12.75 -19.16 -13.47
N PHE A 374 -11.45 -19.22 -13.25
CA PHE A 374 -10.66 -20.30 -13.81
C PHE A 374 -10.96 -21.62 -13.12
N GLN A 375 -11.12 -21.59 -11.80
CA GLN A 375 -11.44 -22.82 -11.08
C GLN A 375 -12.83 -23.30 -11.50
N LYS A 376 -13.73 -22.36 -11.77
CA LYS A 376 -15.07 -22.73 -12.19
C LYS A 376 -15.00 -23.42 -13.55
N GLU A 377 -14.12 -22.92 -14.41
CA GLU A 377 -13.96 -23.53 -15.73
C GLU A 377 -13.42 -24.94 -15.56
N LEU A 378 -12.45 -25.10 -14.66
CA LEU A 378 -11.87 -26.41 -14.40
C LEU A 378 -12.98 -27.36 -13.93
N ALA A 379 -13.79 -26.88 -12.99
CA ALA A 379 -14.88 -27.68 -12.45
C ALA A 379 -15.81 -28.14 -13.56
N ALA A 380 -16.12 -27.24 -14.49
CA ALA A 380 -17.01 -27.58 -15.60
C ALA A 380 -16.38 -28.66 -16.48
N GLN A 381 -15.09 -28.54 -16.75
CA GLN A 381 -14.41 -29.52 -17.59
C GLN A 381 -14.30 -30.89 -16.92
N LEU A 382 -14.05 -30.91 -15.61
CA LEU A 382 -13.94 -32.19 -14.90
C LEU A 382 -15.29 -32.90 -14.90
N GLU A 383 -16.36 -32.12 -14.76
CA GLU A 383 -17.71 -32.69 -14.75
C GLU A 383 -18.00 -33.36 -16.08
N LYS A 384 -17.60 -32.73 -17.18
CA LYS A 384 -17.83 -33.28 -18.51
C LYS A 384 -17.00 -34.57 -18.65
N LYS A 385 -15.79 -34.55 -18.12
CA LYS A 385 -14.90 -35.70 -18.18
C LYS A 385 -15.51 -36.85 -17.39
N ARG A 386 -16.09 -36.52 -16.24
CA ARG A 386 -16.73 -37.51 -15.39
C ARG A 386 -17.91 -38.14 -16.14
N ASP A 387 -18.73 -37.31 -16.77
CA ASP A 387 -19.88 -37.82 -17.51
C ASP A 387 -19.44 -38.79 -18.60
N ASP A 388 -18.35 -38.44 -19.30
CA ASP A 388 -17.85 -39.31 -20.35
C ASP A 388 -17.42 -40.67 -19.83
N PHE A 389 -16.71 -40.69 -18.70
CA PHE A 389 -16.28 -41.96 -18.13
C PHE A 389 -17.51 -42.76 -17.70
N CYS A 390 -18.50 -42.10 -17.13
CA CYS A 390 -19.70 -42.80 -16.69
C CYS A 390 -20.43 -43.42 -17.88
N LYS A 391 -20.51 -42.69 -18.99
CA LYS A 391 -21.17 -43.21 -20.18
C LYS A 391 -20.41 -44.42 -20.71
N GLN A 392 -19.09 -44.31 -20.75
CA GLN A 392 -18.26 -45.41 -21.23
C GLN A 392 -18.45 -46.65 -20.34
N ASN A 393 -18.53 -46.40 -19.04
CA ASN A 393 -18.70 -47.47 -18.07
C ASN A 393 -20.04 -48.16 -18.24
N GLN A 394 -21.12 -47.40 -18.35
CA GLN A 394 -22.43 -48.02 -18.52
C GLN A 394 -22.50 -48.83 -19.81
N GLU A 395 -21.89 -48.28 -20.87
CA GLU A 395 -21.86 -48.94 -22.18
C GLU A 395 -21.09 -50.26 -22.10
N ALA A 396 -19.95 -50.23 -21.41
CA ALA A 396 -19.11 -51.41 -21.25
C ALA A 396 -19.85 -52.47 -20.44
N SER A 397 -20.65 -52.03 -19.47
CA SER A 397 -21.41 -52.97 -18.66
C SER A 397 -22.53 -53.59 -19.49
N SER A 398 -23.27 -52.74 -20.19
CA SER A 398 -24.37 -53.23 -21.02
C SER A 398 -23.87 -54.26 -22.00
N ASP A 399 -22.74 -53.96 -22.64
CA ASP A 399 -22.16 -54.89 -23.60
C ASP A 399 -21.80 -56.21 -22.93
N ARG A 400 -21.13 -56.14 -21.79
CA ARG A 400 -20.74 -57.36 -21.10
C ARG A 400 -21.92 -58.22 -20.65
N CYS A 401 -22.89 -57.58 -19.99
CA CYS A 401 -24.06 -58.31 -19.50
C CYS A 401 -24.92 -58.89 -20.61
N SER A 402 -25.15 -58.11 -21.67
CA SER A 402 -25.96 -58.60 -22.78
C SER A 402 -25.24 -59.77 -23.43
N ALA A 403 -23.92 -59.69 -23.47
CA ALA A 403 -23.13 -60.76 -24.04
C ALA A 403 -23.27 -62.01 -23.19
N LEU A 404 -23.19 -61.86 -21.87
CA LEU A 404 -23.32 -62.99 -20.96
C LEU A 404 -24.71 -63.61 -21.08
N LEU A 405 -25.73 -62.78 -21.32
CA LEU A 405 -27.09 -63.25 -21.46
C LEU A 405 -27.15 -64.23 -22.64
N GLN A 406 -26.50 -63.85 -23.74
CA GLN A 406 -26.48 -64.70 -24.92
C GLN A 406 -25.77 -66.02 -24.64
N VAL A 407 -24.61 -65.92 -24.00
CA VAL A 407 -23.80 -67.10 -23.67
C VAL A 407 -24.45 -68.06 -22.68
N ILE A 408 -25.05 -67.50 -21.63
CA ILE A 408 -25.66 -68.28 -20.58
C ILE A 408 -27.10 -68.74 -20.81
N PHE A 409 -27.98 -67.83 -21.22
CA PHE A 409 -29.37 -68.21 -21.38
C PHE A 409 -29.85 -68.68 -22.75
N SER A 410 -29.16 -68.27 -23.82
CA SER A 410 -29.58 -68.70 -25.15
C SER A 410 -29.70 -70.22 -25.26
N PRO A 411 -28.71 -70.96 -24.75
CA PRO A 411 -28.80 -72.41 -24.83
C PRO A 411 -30.08 -72.95 -24.21
N LEU A 412 -30.48 -72.35 -23.08
CA LEU A 412 -31.70 -72.78 -22.38
C LEU A 412 -32.94 -72.47 -23.23
N GLU A 413 -33.01 -71.24 -23.75
CA GLU A 413 -34.14 -70.85 -24.58
C GLU A 413 -34.32 -71.82 -25.73
N GLU A 414 -33.21 -72.17 -26.38
CA GLU A 414 -33.28 -73.08 -27.51
C GLU A 414 -33.69 -74.49 -27.09
N GLU A 415 -33.25 -74.92 -25.90
CA GLU A 415 -33.64 -76.25 -25.42
C GLU A 415 -35.15 -76.26 -25.20
N VAL A 416 -35.66 -75.18 -24.62
CA VAL A 416 -37.09 -75.07 -24.37
C VAL A 416 -37.88 -75.08 -25.67
N LYS A 417 -37.39 -74.35 -26.67
CA LYS A 417 -38.07 -74.30 -27.95
C LYS A 417 -37.98 -75.63 -28.69
N ALA A 418 -36.98 -76.42 -28.33
CA ALA A 418 -36.79 -77.74 -28.94
C ALA A 418 -37.63 -78.79 -28.23
N GLY A 419 -38.28 -78.38 -27.15
CA GLY A 419 -39.12 -79.30 -26.40
C GLY A 419 -38.42 -80.19 -25.40
N ILE A 420 -37.18 -79.88 -25.04
CA ILE A 420 -36.43 -80.70 -24.10
C ILE A 420 -37.09 -80.79 -22.72
N TYR A 421 -37.86 -79.78 -22.36
CA TYR A 421 -38.53 -79.77 -21.06
C TYR A 421 -40.03 -79.96 -21.15
N SER A 422 -40.53 -80.39 -22.30
CA SER A 422 -41.96 -80.58 -22.48
C SER A 422 -42.41 -82.02 -22.24
N LYS A 423 -41.61 -82.76 -21.48
CA LYS A 423 -41.92 -84.15 -21.16
C LYS A 423 -42.27 -84.26 -19.68
N PRO A 424 -42.77 -85.43 -19.24
CA PRO A 424 -43.12 -85.62 -17.84
C PRO A 424 -41.95 -85.33 -16.91
N GLY A 425 -42.17 -84.46 -15.92
CA GLY A 425 -41.12 -84.12 -14.98
C GLY A 425 -40.15 -83.06 -15.49
N GLY A 426 -40.47 -82.44 -16.63
CA GLY A 426 -39.61 -81.43 -17.19
C GLY A 426 -39.58 -80.11 -16.45
N TYR A 427 -40.65 -79.78 -15.74
CA TYR A 427 -40.68 -78.51 -15.01
C TYR A 427 -39.61 -78.44 -13.92
N ARG A 428 -39.46 -79.52 -13.14
CA ARG A 428 -38.46 -79.53 -12.10
C ARG A 428 -37.06 -79.37 -12.69
N LEU A 429 -36.79 -80.06 -13.80
CA LEU A 429 -35.49 -79.97 -14.45
C LEU A 429 -35.27 -78.57 -14.99
N PHE A 430 -36.31 -77.97 -15.55
CA PHE A 430 -36.23 -76.62 -16.10
C PHE A 430 -35.91 -75.60 -15.01
N VAL A 431 -36.72 -75.58 -13.96
CA VAL A 431 -36.50 -74.61 -12.88
C VAL A 431 -35.11 -74.77 -12.26
N GLN A 432 -34.66 -76.02 -12.13
CA GLN A 432 -33.34 -76.26 -11.56
C GLN A 432 -32.25 -75.68 -12.47
N LYS A 433 -32.40 -75.89 -13.77
CA LYS A 433 -31.44 -75.39 -14.74
C LYS A 433 -31.43 -73.86 -14.73
N LEU A 434 -32.63 -73.27 -14.73
CA LEU A 434 -32.76 -71.81 -14.73
C LEU A 434 -32.09 -71.18 -13.50
N GLN A 435 -32.29 -71.78 -12.34
CA GLN A 435 -31.68 -71.26 -11.11
C GLN A 435 -30.17 -71.36 -11.22
N ASP A 436 -29.68 -72.47 -11.75
CA ASP A 436 -28.25 -72.67 -11.90
C ASP A 436 -27.65 -71.62 -12.85
N LEU A 437 -28.38 -71.31 -13.91
CA LEU A 437 -27.91 -70.31 -14.87
C LEU A 437 -27.91 -68.90 -14.31
N LYS A 438 -28.91 -68.58 -13.49
CA LYS A 438 -28.96 -67.26 -12.88
C LYS A 438 -27.79 -67.14 -11.92
N LYS A 439 -27.46 -68.24 -11.24
CA LYS A 439 -26.36 -68.23 -10.30
C LYS A 439 -25.06 -67.99 -11.08
N LYS A 440 -24.93 -68.66 -12.22
CA LYS A 440 -23.74 -68.51 -13.05
C LYS A 440 -23.57 -67.05 -13.47
N TYR A 441 -24.67 -66.42 -13.87
CA TYR A 441 -24.65 -65.03 -14.29
C TYR A 441 -24.14 -64.15 -13.15
N TYR A 442 -24.72 -64.33 -11.98
CA TYR A 442 -24.34 -63.54 -10.82
C TYR A 442 -22.88 -63.75 -10.41
N GLU A 443 -22.34 -64.94 -10.66
CA GLU A 443 -20.96 -65.22 -10.29
C GLU A 443 -19.92 -64.76 -11.32
N GLU A 444 -20.37 -64.33 -12.49
CA GLU A 444 -19.45 -63.83 -13.51
C GLU A 444 -18.83 -62.55 -12.96
N PRO A 445 -17.50 -62.40 -13.09
CA PRO A 445 -16.76 -61.24 -12.60
C PRO A 445 -16.95 -59.93 -13.37
N ARG A 446 -16.91 -58.83 -12.63
CA ARG A 446 -17.02 -57.47 -13.17
C ARG A 446 -18.06 -57.28 -14.27
N LYS A 447 -19.32 -57.58 -13.97
CA LYS A 447 -20.37 -57.40 -14.95
C LYS A 447 -20.68 -55.91 -15.09
N GLY A 448 -20.54 -55.18 -14.00
CA GLY A 448 -20.80 -53.75 -14.05
C GLY A 448 -22.10 -53.32 -13.44
N ILE A 449 -22.37 -52.02 -13.57
CA ILE A 449 -23.54 -51.38 -13.00
C ILE A 449 -24.90 -51.66 -13.63
N GLN A 450 -24.93 -52.40 -14.73
CA GLN A 450 -26.20 -52.70 -15.40
C GLN A 450 -26.63 -54.16 -15.21
N ALA A 451 -25.90 -54.89 -14.39
CA ALA A 451 -26.19 -56.31 -14.16
C ALA A 451 -27.65 -56.68 -13.86
N GLU A 452 -28.25 -56.03 -12.87
CA GLU A 452 -29.63 -56.35 -12.50
C GLU A 452 -30.67 -55.92 -13.53
N GLU A 453 -30.47 -54.74 -14.11
CA GLU A 453 -31.42 -54.24 -15.12
C GLU A 453 -31.42 -55.11 -16.38
N ILE A 454 -30.23 -55.50 -16.83
CA ILE A 454 -30.15 -56.33 -18.03
C ILE A 454 -30.77 -57.69 -17.81
N LEU A 455 -30.48 -58.31 -16.67
CA LEU A 455 -31.04 -59.62 -16.36
C LEU A 455 -32.55 -59.59 -16.18
N GLN A 456 -33.03 -58.67 -15.34
CA GLN A 456 -34.46 -58.56 -15.05
C GLN A 456 -35.31 -58.26 -16.28
N THR A 457 -34.81 -57.39 -17.15
CA THR A 457 -35.55 -57.05 -18.35
C THR A 457 -35.73 -58.29 -19.22
N TYR A 458 -34.65 -59.09 -19.31
CA TYR A 458 -34.68 -60.32 -20.08
C TYR A 458 -35.64 -61.34 -19.45
N LEU A 459 -35.45 -61.62 -18.16
CA LEU A 459 -36.30 -62.58 -17.47
C LEU A 459 -37.78 -62.20 -17.57
N LYS A 460 -38.08 -60.92 -17.43
CA LYS A 460 -39.47 -60.49 -17.52
C LYS A 460 -40.03 -60.74 -18.91
N SER A 461 -39.24 -60.44 -19.95
CA SER A 461 -39.71 -60.62 -21.33
C SER A 461 -39.97 -62.07 -21.68
N LYS A 462 -39.37 -62.99 -20.94
CA LYS A 462 -39.53 -64.43 -21.20
C LYS A 462 -40.34 -65.13 -20.12
N GLU A 463 -41.13 -64.35 -19.38
CA GLU A 463 -41.96 -64.83 -18.28
C GLU A 463 -42.90 -65.98 -18.69
N SER A 464 -43.43 -65.89 -19.91
CA SER A 464 -44.38 -66.90 -20.40
C SER A 464 -43.77 -68.30 -20.53
N MET A 465 -42.46 -68.37 -20.64
CA MET A 465 -41.75 -69.64 -20.78
C MET A 465 -41.97 -70.54 -19.56
N THR A 466 -41.80 -69.98 -18.38
CA THR A 466 -41.98 -70.73 -17.14
C THR A 466 -43.40 -71.31 -17.05
N ASP A 467 -44.39 -70.47 -17.30
CA ASP A 467 -45.77 -70.92 -17.23
C ASP A 467 -46.06 -72.01 -18.25
N ALA A 468 -45.48 -71.89 -19.44
CA ALA A 468 -45.69 -72.88 -20.50
C ALA A 468 -45.22 -74.27 -20.09
N ILE A 469 -44.05 -74.35 -19.48
CA ILE A 469 -43.50 -75.62 -19.04
C ILE A 469 -44.27 -76.20 -17.86
N LEU A 470 -44.67 -75.32 -16.94
CA LEU A 470 -45.41 -75.72 -15.76
C LEU A 470 -46.73 -76.40 -16.07
N GLN A 471 -47.57 -75.72 -16.86
CA GLN A 471 -48.87 -76.25 -17.20
C GLN A 471 -48.79 -77.53 -18.04
N THR A 472 -47.65 -77.75 -18.69
CA THR A 472 -47.47 -78.93 -19.54
C THR A 472 -47.14 -80.18 -18.73
N ASP A 473 -46.33 -80.01 -17.69
CA ASP A 473 -45.91 -81.14 -16.85
C ASP A 473 -47.12 -81.81 -16.20
N GLN A 474 -47.24 -83.12 -16.39
CA GLN A 474 -48.35 -83.87 -15.82
C GLN A 474 -47.99 -84.54 -14.52
N THR A 475 -46.69 -84.59 -14.20
CA THR A 475 -46.23 -85.20 -12.97
C THR A 475 -46.46 -84.30 -11.77
N LEU A 476 -47.13 -83.18 -12.00
CA LEU A 476 -47.43 -82.22 -10.93
C LEU A 476 -48.94 -82.04 -10.78
N THR A 477 -49.41 -82.18 -9.55
CA THR A 477 -50.82 -82.01 -9.23
C THR A 477 -51.22 -80.56 -9.48
N GLU A 478 -52.51 -80.30 -9.63
CA GLU A 478 -52.98 -78.95 -9.87
C GLU A 478 -52.69 -78.02 -8.70
N LYS A 479 -52.79 -78.54 -7.47
CA LYS A 479 -52.50 -77.72 -6.29
C LYS A 479 -51.03 -77.34 -6.29
N GLU A 480 -50.17 -78.28 -6.67
CA GLU A 480 -48.74 -78.02 -6.73
C GLU A 480 -48.43 -76.96 -7.77
N LYS A 481 -49.17 -76.96 -8.87
CA LYS A 481 -48.96 -75.96 -9.91
C LYS A 481 -49.38 -74.58 -9.41
N GLU A 482 -50.45 -74.54 -8.62
CA GLU A 482 -50.94 -73.29 -8.06
C GLU A 482 -49.88 -72.69 -7.14
N ILE A 483 -49.18 -73.56 -6.42
CA ILE A 483 -48.12 -73.13 -5.50
C ILE A 483 -46.97 -72.56 -6.31
N GLU A 484 -46.60 -73.24 -7.39
CA GLU A 484 -45.51 -72.78 -8.23
C GLU A 484 -45.78 -71.44 -8.89
N VAL A 485 -47.01 -71.22 -9.30
CA VAL A 485 -47.36 -69.96 -9.94
C VAL A 485 -47.15 -68.82 -8.95
N GLU A 486 -47.54 -69.02 -7.70
CA GLU A 486 -47.38 -68.01 -6.68
C GLU A 486 -45.91 -67.81 -6.32
N ARG A 487 -45.14 -68.89 -6.37
CA ARG A 487 -43.72 -68.81 -6.04
C ARG A 487 -42.99 -68.00 -7.12
N VAL A 488 -43.34 -68.25 -8.38
CA VAL A 488 -42.73 -67.55 -9.50
C VAL A 488 -43.12 -66.07 -9.49
N LYS A 489 -44.35 -65.78 -9.09
CA LYS A 489 -44.79 -64.39 -9.01
C LYS A 489 -43.97 -63.65 -7.96
N ALA A 490 -43.68 -64.34 -6.86
CA ALA A 490 -42.89 -63.74 -5.80
C ALA A 490 -41.46 -63.53 -6.25
N GLU A 491 -40.90 -64.48 -7.01
CA GLU A 491 -39.53 -64.31 -7.47
C GLU A 491 -39.42 -63.18 -8.47
N SER A 492 -40.46 -63.01 -9.30
CA SER A 492 -40.44 -61.94 -10.29
C SER A 492 -40.44 -60.59 -9.55
N ALA A 493 -41.24 -60.50 -8.50
CA ALA A 493 -41.31 -59.27 -7.72
C ALA A 493 -39.97 -58.98 -7.05
N GLN A 494 -39.27 -60.02 -6.62
CA GLN A 494 -37.97 -59.83 -5.99
C GLN A 494 -36.94 -59.37 -7.02
N ALA A 495 -37.03 -59.91 -8.22
CA ALA A 495 -36.11 -59.53 -9.29
C ALA A 495 -36.34 -58.06 -9.63
N SER A 496 -37.61 -57.65 -9.61
CA SER A 496 -37.95 -56.27 -9.90
C SER A 496 -37.34 -55.36 -8.84
N ALA A 497 -37.44 -55.79 -7.58
CA ALA A 497 -36.89 -55.00 -6.48
C ALA A 497 -35.38 -54.82 -6.62
N LYS A 498 -34.68 -55.86 -7.08
CA LYS A 498 -33.23 -55.75 -7.25
C LYS A 498 -32.90 -54.71 -8.32
N MET A 499 -33.70 -54.71 -9.39
CA MET A 499 -33.49 -53.76 -10.49
C MET A 499 -33.82 -52.34 -10.04
N LEU A 500 -34.91 -52.19 -9.29
CA LEU A 500 -35.32 -50.89 -8.80
C LEU A 500 -34.31 -50.32 -7.81
N GLN A 501 -33.80 -51.17 -6.92
CA GLN A 501 -32.81 -50.70 -5.95
C GLN A 501 -31.52 -50.29 -6.67
N GLU A 502 -31.12 -51.08 -7.65
CA GLU A 502 -29.90 -50.80 -8.42
C GLU A 502 -30.01 -49.38 -9.00
N MET A 503 -31.17 -49.08 -9.58
CA MET A 503 -31.44 -47.78 -10.18
C MET A 503 -31.40 -46.66 -9.16
N GLN A 504 -32.07 -46.87 -8.03
CA GLN A 504 -32.13 -45.85 -6.99
C GLN A 504 -30.76 -45.57 -6.38
N ARG A 505 -30.03 -46.64 -6.07
CA ARG A 505 -28.71 -46.50 -5.46
C ARG A 505 -27.76 -45.73 -6.36
N LYS A 506 -27.78 -46.01 -7.66
CA LYS A 506 -26.92 -45.32 -8.60
C LYS A 506 -27.19 -43.81 -8.54
N ASN A 507 -28.47 -43.44 -8.54
CA ASN A 507 -28.81 -42.02 -8.49
C ASN A 507 -28.30 -41.37 -7.21
N GLU A 508 -28.46 -42.07 -6.09
CA GLU A 508 -27.98 -41.55 -4.80
C GLU A 508 -26.48 -41.34 -4.83
N GLN A 509 -25.75 -42.31 -5.38
CA GLN A 509 -24.29 -42.20 -5.45
C GLN A 509 -23.85 -41.03 -6.33
N MET A 510 -24.58 -40.79 -7.41
CA MET A 510 -24.24 -39.68 -8.30
C MET A 510 -24.48 -38.36 -7.55
N MET A 511 -25.60 -38.27 -6.85
CA MET A 511 -25.92 -37.06 -6.09
C MET A 511 -24.87 -36.82 -5.01
N GLU A 512 -24.50 -37.89 -4.31
CA GLU A 512 -23.50 -37.80 -3.25
C GLU A 512 -22.14 -37.36 -3.79
N GLN A 513 -21.77 -37.86 -4.96
CA GLN A 513 -20.50 -37.48 -5.57
C GLN A 513 -20.51 -36.01 -5.98
N LYS A 514 -21.65 -35.53 -6.48
CA LYS A 514 -21.79 -34.14 -6.88
C LYS A 514 -21.49 -33.23 -5.69
N GLU A 515 -22.08 -33.56 -4.55
CA GLU A 515 -21.89 -32.79 -3.32
C GLU A 515 -20.45 -32.87 -2.83
N ARG A 516 -19.87 -34.06 -2.89
CA ARG A 516 -18.50 -34.24 -2.46
C ARG A 516 -17.52 -33.45 -3.33
N SER A 517 -17.76 -33.44 -4.64
CA SER A 517 -16.88 -32.70 -5.55
C SER A 517 -16.96 -31.21 -5.25
N TYR A 518 -18.18 -30.71 -5.06
CA TYR A 518 -18.38 -29.30 -4.73
C TYR A 518 -17.62 -28.95 -3.45
N GLN A 519 -17.72 -29.81 -2.45
CA GLN A 519 -17.04 -29.58 -1.18
C GLN A 519 -15.51 -29.65 -1.31
N GLU A 520 -15.02 -30.48 -2.23
CA GLU A 520 -13.58 -30.59 -2.43
C GLU A 520 -13.04 -29.29 -3.02
N HIS A 521 -13.77 -28.72 -3.97
CA HIS A 521 -13.36 -27.46 -4.57
C HIS A 521 -13.33 -26.38 -3.50
N LEU A 522 -14.41 -26.30 -2.72
CA LEU A 522 -14.52 -25.30 -1.66
C LEU A 522 -13.39 -25.44 -0.64
N LYS A 523 -13.08 -26.67 -0.25
CA LYS A 523 -12.03 -26.95 0.72
C LYS A 523 -10.67 -26.44 0.26
N GLN A 524 -10.27 -26.82 -0.95
CA GLN A 524 -8.98 -26.39 -1.46
C GLN A 524 -8.93 -24.90 -1.75
N LEU A 525 -10.07 -24.32 -2.14
CA LEU A 525 -10.12 -22.90 -2.42
C LEU A 525 -9.97 -22.11 -1.12
N THR A 526 -10.72 -22.51 -0.11
CA THR A 526 -10.68 -21.85 1.19
C THR A 526 -9.27 -21.90 1.76
N GLU A 527 -8.59 -23.01 1.53
CA GLU A 527 -7.23 -23.17 2.01
C GLU A 527 -6.27 -22.27 1.24
N LYS A 528 -6.47 -22.13 -0.07
CA LYS A 528 -5.59 -21.27 -0.85
C LYS A 528 -5.83 -19.81 -0.51
N MET A 529 -7.10 -19.44 -0.31
CA MET A 529 -7.43 -18.06 0.02
C MET A 529 -6.84 -17.68 1.37
N GLU A 530 -6.78 -18.67 2.27
CA GLU A 530 -6.23 -18.44 3.60
C GLU A 530 -4.72 -18.22 3.47
N ASN A 531 -4.07 -19.03 2.64
CA ASN A 531 -2.64 -18.90 2.43
C ASN A 531 -2.31 -17.57 1.74
N ASP A 532 -3.19 -17.15 0.84
CA ASP A 532 -2.98 -15.88 0.13
C ASP A 532 -3.12 -14.72 1.10
N ARG A 533 -4.08 -14.82 2.01
CA ARG A 533 -4.31 -13.76 2.99
C ARG A 533 -3.08 -13.59 3.87
N VAL A 534 -2.50 -14.70 4.30
CA VAL A 534 -1.32 -14.69 5.15
C VAL A 534 -0.12 -14.07 4.43
N GLN A 535 0.06 -14.44 3.17
CA GLN A 535 1.17 -13.93 2.37
C GLN A 535 1.05 -12.43 2.16
N LEU A 536 -0.17 -11.96 1.88
CA LEU A 536 -0.39 -10.54 1.66
C LEU A 536 -0.13 -9.75 2.93
N LEU A 537 -0.68 -10.22 4.04
CA LEU A 537 -0.48 -9.55 5.32
C LEU A 537 1.00 -9.45 5.64
N LYS A 538 1.74 -10.52 5.34
CA LYS A 538 3.19 -10.54 5.57
C LYS A 538 3.84 -9.42 4.75
N GLU A 539 3.44 -9.29 3.49
CA GLU A 539 3.98 -8.24 2.63
C GLU A 539 3.60 -6.86 3.16
N GLN A 540 2.38 -6.73 3.65
CA GLN A 540 1.90 -5.47 4.18
C GLN A 540 2.64 -5.12 5.47
N GLU A 541 2.99 -6.13 6.26
CA GLU A 541 3.71 -5.88 7.51
C GLU A 541 5.11 -5.36 7.22
N ARG A 542 5.70 -5.81 6.10
CA ARG A 542 7.04 -5.36 5.72
C ARG A 542 6.92 -3.89 5.31
N THR A 543 5.90 -3.57 4.51
CA THR A 543 5.71 -2.18 4.09
C THR A 543 5.46 -1.30 5.32
N LEU A 544 4.68 -1.81 6.27
CA LEU A 544 4.39 -1.05 7.47
C LEU A 544 5.70 -0.77 8.22
N ALA A 545 6.55 -1.78 8.33
CA ALA A 545 7.83 -1.63 9.01
C ALA A 545 8.71 -0.59 8.33
N LEU A 546 8.73 -0.61 7.00
CA LEU A 546 9.53 0.34 6.24
C LEU A 546 9.01 1.76 6.41
N LYS A 547 7.69 1.93 6.43
CA LYS A 547 7.12 3.26 6.59
C LYS A 547 7.30 3.81 7.99
N LEU A 548 7.20 2.95 9.00
CA LEU A 548 7.37 3.38 10.38
C LEU A 548 8.82 3.85 10.55
N GLN A 549 9.74 3.09 9.95
CA GLN A 549 11.17 3.40 10.02
C GLN A 549 11.42 4.80 9.46
N GLU A 550 10.89 5.09 8.28
CA GLU A 550 11.07 6.41 7.66
C GLU A 550 10.43 7.51 8.50
N GLN A 551 9.25 7.21 9.04
CA GLN A 551 8.53 8.17 9.87
C GLN A 551 9.42 8.57 11.05
N GLU A 552 10.08 7.60 11.65
CA GLU A 552 10.95 7.86 12.79
C GLU A 552 12.19 8.68 12.39
N GLN A 553 12.79 8.34 11.25
CA GLN A 553 13.96 9.07 10.79
C GLN A 553 13.61 10.54 10.58
N LEU A 554 12.44 10.77 9.98
CA LEU A 554 11.97 12.13 9.71
C LEU A 554 11.75 12.92 10.98
N LEU A 555 11.18 12.27 11.99
CA LEU A 555 10.92 12.91 13.27
C LEU A 555 12.24 13.22 13.98
N LYS A 556 13.12 12.24 14.01
CA LYS A 556 14.42 12.39 14.65
C LYS A 556 15.22 13.48 13.96
N GLU A 557 15.03 13.60 12.66
CA GLU A 557 15.72 14.58 11.86
C GLU A 557 15.16 15.97 12.17
N GLY A 558 13.96 15.98 12.74
CA GLY A 558 13.32 17.24 13.10
C GLY A 558 12.22 17.72 12.17
N PHE A 559 11.76 16.86 11.27
CA PHE A 559 10.71 17.24 10.33
C PHE A 559 9.36 16.61 10.65
N GLN A 560 8.54 17.34 11.40
CA GLN A 560 7.22 16.84 11.79
C GLN A 560 6.21 16.90 10.64
N LYS A 561 6.28 17.94 9.82
CA LYS A 561 5.36 18.09 8.70
C LYS A 561 5.41 16.88 7.77
N GLU A 562 6.63 16.42 7.48
CA GLU A 562 6.79 15.26 6.61
C GLU A 562 6.55 13.96 7.37
N SER A 563 6.97 13.93 8.63
CA SER A 563 6.79 12.76 9.48
C SER A 563 5.31 12.47 9.68
N ARG A 564 4.51 13.52 9.80
CA ARG A 564 3.07 13.38 9.98
C ARG A 564 2.43 12.85 8.70
N ILE A 565 3.01 13.20 7.55
CA ILE A 565 2.50 12.77 6.26
C ILE A 565 2.69 11.25 6.15
N MET A 566 3.76 10.74 6.76
CA MET A 566 4.05 9.31 6.75
C MET A 566 2.98 8.57 7.55
N LYS A 567 2.64 9.13 8.71
CA LYS A 567 1.63 8.52 9.58
C LYS A 567 0.33 8.36 8.79
N ASN A 568 0.09 9.31 7.89
CA ASN A 568 -1.10 9.28 7.06
C ASN A 568 -1.08 8.05 6.15
N GLU A 569 0.04 7.83 5.48
CA GLU A 569 0.19 6.68 4.59
C GLU A 569 0.07 5.39 5.39
N ILE A 570 0.56 5.42 6.62
CA ILE A 570 0.51 4.24 7.47
C ILE A 570 -0.93 3.90 7.82
N GLN A 571 -1.74 4.91 8.13
CA GLN A 571 -3.13 4.66 8.46
C GLN A 571 -3.86 4.06 7.27
N ASP A 572 -3.60 4.60 6.09
CA ASP A 572 -4.23 4.10 4.88
C ASP A 572 -3.84 2.66 4.60
N LEU A 573 -2.58 2.31 4.86
CA LEU A 573 -2.11 0.95 4.64
C LEU A 573 -2.85 0.01 5.59
N GLN A 574 -3.03 0.46 6.83
CA GLN A 574 -3.70 -0.37 7.83
C GLN A 574 -5.18 -0.63 7.53
N THR A 575 -5.80 0.22 6.72
CA THR A 575 -7.21 0.00 6.39
C THR A 575 -7.28 -1.17 5.40
N LYS A 576 -6.18 -1.41 4.68
CA LYS A 576 -6.11 -2.49 3.70
C LYS A 576 -5.77 -3.85 4.34
N MET A 577 -5.20 -3.82 5.54
CA MET A 577 -4.80 -5.06 6.22
C MET A 577 -5.97 -5.83 6.82
N MET B 1 9.75 48.59 13.08
CA MET B 1 11.01 48.55 12.28
C MET B 1 10.78 49.02 10.85
N GLU B 2 11.85 49.00 10.05
CA GLU B 2 11.78 49.43 8.65
C GLU B 2 11.12 48.43 7.73
N ARG B 3 10.37 48.94 6.76
CA ARG B 3 9.70 48.08 5.79
C ARG B 3 10.67 47.09 5.17
N ALA B 4 11.85 47.60 4.84
CA ALA B 4 12.89 46.78 4.21
C ALA B 4 13.21 45.52 5.02
N SER B 5 13.30 45.65 6.33
CA SER B 5 13.60 44.52 7.20
C SER B 5 12.38 43.62 7.42
N LEU B 6 11.19 44.23 7.45
CA LEU B 6 9.96 43.47 7.62
C LEU B 6 9.83 42.48 6.48
N ILE B 7 10.12 42.97 5.27
CA ILE B 7 10.09 42.14 4.07
C ILE B 7 11.12 41.05 4.18
N GLN B 8 12.27 41.40 4.76
CA GLN B 8 13.36 40.46 4.92
C GLN B 8 13.02 39.35 5.92
N LYS B 9 12.33 39.71 7.00
CA LYS B 9 11.96 38.70 7.98
C LYS B 9 10.89 37.74 7.46
N ALA B 10 10.04 38.21 6.56
CA ALA B 10 9.02 37.35 5.99
C ALA B 10 9.68 36.25 5.16
N LYS B 11 10.66 36.65 4.36
CA LYS B 11 11.41 35.71 3.54
C LYS B 11 12.09 34.68 4.41
N LEU B 12 12.58 35.12 5.57
CA LEU B 12 13.21 34.22 6.54
C LEU B 12 12.16 33.29 7.13
N ALA B 13 11.03 33.88 7.49
CA ALA B 13 9.90 33.12 8.05
C ALA B 13 9.49 31.99 7.10
N GLU B 14 9.27 32.33 5.82
CA GLU B 14 8.88 31.30 4.86
C GLU B 14 9.93 30.22 4.73
N GLN B 15 11.19 30.59 4.92
CA GLN B 15 12.29 29.64 4.86
C GLN B 15 12.17 28.60 5.97
N ALA B 16 11.91 29.11 7.18
CA ALA B 16 11.77 28.28 8.36
C ALA B 16 10.36 27.74 8.53
N GLU B 17 9.54 27.94 7.50
CA GLU B 17 8.16 27.50 7.47
C GLU B 17 7.34 27.95 8.68
N ARG B 18 7.56 29.20 9.07
CA ARG B 18 6.82 29.81 10.17
C ARG B 18 5.89 30.88 9.63
N TYR B 19 4.83 30.39 8.98
CA TYR B 19 3.82 31.19 8.31
C TYR B 19 3.10 32.20 9.17
N GLU B 20 2.84 31.86 10.42
CA GLU B 20 2.18 32.82 11.27
C GLU B 20 3.05 34.06 11.42
N ASP B 21 4.34 33.85 11.68
CA ASP B 21 5.28 34.96 11.80
C ASP B 21 5.39 35.70 10.47
N MET B 22 5.46 34.93 9.39
CA MET B 22 5.55 35.50 8.05
C MET B 22 4.38 36.43 7.73
N ALA B 23 3.16 36.00 8.04
CA ALA B 23 1.98 36.82 7.79
C ALA B 23 1.98 38.11 8.60
N ALA B 24 2.49 38.04 9.83
CA ALA B 24 2.55 39.21 10.70
C ALA B 24 3.53 40.24 10.13
N PHE B 25 4.70 39.77 9.72
CA PHE B 25 5.70 40.66 9.13
C PHE B 25 5.10 41.38 7.93
N MET B 26 4.55 40.61 7.00
CA MET B 26 3.93 41.19 5.82
C MET B 26 2.88 42.21 6.19
N LYS B 27 2.09 41.92 7.23
CA LYS B 27 1.09 42.87 7.67
C LYS B 27 1.73 44.17 8.10
N GLY B 28 2.89 44.08 8.78
CA GLY B 28 3.58 45.26 9.23
C GLY B 28 4.14 46.04 8.04
N ALA B 29 4.57 45.31 7.02
CA ALA B 29 5.10 45.93 5.80
C ALA B 29 3.99 46.65 5.04
N VAL B 30 2.80 46.08 5.05
CA VAL B 30 1.66 46.69 4.36
C VAL B 30 1.25 47.99 5.00
N GLU B 31 1.11 47.97 6.32
CA GLU B 31 0.69 49.16 7.04
C GLU B 31 1.71 50.30 6.97
N LYS B 32 2.84 50.02 6.33
CA LYS B 32 3.87 51.05 6.15
C LYS B 32 3.37 52.11 5.16
N GLY B 33 2.28 51.79 4.46
CA GLY B 33 1.69 52.73 3.53
C GLY B 33 1.98 52.57 2.04
N GLU B 34 3.12 51.97 1.71
CA GLU B 34 3.50 51.79 0.31
C GLU B 34 3.01 50.48 -0.30
N GLU B 35 2.65 50.56 -1.57
CA GLU B 35 2.16 49.41 -2.32
C GLU B 35 3.19 48.28 -2.35
N LEU B 36 2.73 47.07 -2.65
CA LEU B 36 3.63 45.94 -2.70
C LEU B 36 3.97 45.55 -4.13
N SER B 37 5.18 45.08 -4.35
CA SER B 37 5.60 44.63 -5.67
C SER B 37 5.03 43.24 -5.94
N CYS B 38 5.19 42.76 -7.17
CA CYS B 38 4.67 41.44 -7.47
C CYS B 38 5.22 40.40 -6.50
N GLU B 39 6.53 40.48 -6.26
CA GLU B 39 7.18 39.57 -5.33
C GLU B 39 6.58 39.67 -3.93
N GLU B 40 6.41 40.90 -3.44
CA GLU B 40 5.84 41.14 -2.13
C GLU B 40 4.41 40.61 -2.04
N ARG B 41 3.64 40.81 -3.09
CA ARG B 41 2.25 40.36 -3.15
C ARG B 41 2.15 38.87 -2.89
N ASN B 42 3.02 38.10 -3.53
CA ASN B 42 3.01 36.67 -3.35
C ASN B 42 3.39 36.25 -1.96
N LEU B 43 4.32 36.99 -1.34
CA LEU B 43 4.70 36.70 0.02
C LEU B 43 3.46 36.81 0.91
N LEU B 44 2.68 37.85 0.65
CA LEU B 44 1.46 38.11 1.41
C LEU B 44 0.41 36.99 1.29
N SER B 45 0.11 36.53 0.08
CA SER B 45 -0.88 35.47 -0.06
C SER B 45 -0.35 34.13 0.42
N VAL B 46 0.95 33.89 0.22
CA VAL B 46 1.52 32.63 0.69
C VAL B 46 1.46 32.54 2.22
N ALA B 47 1.81 33.62 2.88
CA ALA B 47 1.76 33.63 4.35
C ALA B 47 0.37 33.37 4.87
N TYR B 48 -0.59 34.17 4.41
CA TYR B 48 -1.96 34.00 4.87
C TYR B 48 -2.64 32.73 4.38
N LYS B 49 -2.28 32.27 3.19
CA LYS B 49 -2.84 31.04 2.67
C LYS B 49 -2.45 29.86 3.57
N ASN B 50 -1.19 29.85 3.99
CA ASN B 50 -0.72 28.79 4.86
C ASN B 50 -1.36 28.85 6.23
N VAL B 51 -1.42 30.05 6.81
CA VAL B 51 -2.05 30.21 8.12
C VAL B 51 -3.50 29.75 8.11
N VAL B 52 -4.26 30.30 7.17
CA VAL B 52 -5.67 29.95 7.05
C VAL B 52 -5.88 28.50 6.61
N GLY B 53 -4.96 27.97 5.81
CA GLY B 53 -5.08 26.59 5.33
C GLY B 53 -5.07 25.60 6.49
N GLY B 54 -4.21 25.87 7.47
CA GLY B 54 -4.14 24.98 8.61
C GLY B 54 -5.46 24.98 9.37
N GLN B 55 -6.02 26.16 9.57
CA GLN B 55 -7.28 26.28 10.28
C GLN B 55 -8.44 25.64 9.52
N ARG B 56 -8.51 25.88 8.21
CA ARG B 56 -9.57 25.28 7.41
C ARG B 56 -9.52 23.77 7.48
N ALA B 57 -8.30 23.22 7.44
CA ALA B 57 -8.12 21.78 7.53
C ALA B 57 -8.56 21.26 8.88
N ALA B 58 -8.14 21.98 9.92
CA ALA B 58 -8.53 21.61 11.27
C ALA B 58 -10.06 21.57 11.37
N TRP B 59 -10.68 22.65 10.91
CA TRP B 59 -12.13 22.79 10.90
C TRP B 59 -12.82 21.62 10.21
N ARG B 60 -12.39 21.31 8.99
CA ARG B 60 -12.98 20.19 8.22
C ARG B 60 -12.85 18.86 8.95
N VAL B 61 -11.69 18.61 9.56
CA VAL B 61 -11.46 17.38 10.30
C VAL B 61 -12.46 17.30 11.42
N LEU B 62 -12.55 18.38 12.18
CA LEU B 62 -13.46 18.45 13.31
C LEU B 62 -14.93 18.33 12.92
N SER B 63 -15.40 19.20 12.03
CA SER B 63 -16.80 19.14 11.64
C SER B 63 -17.22 17.76 11.15
N SER B 64 -16.32 17.03 10.50
CA SER B 64 -16.66 15.70 10.02
C SER B 64 -16.76 14.73 11.20
N ILE B 65 -15.88 14.92 12.18
CA ILE B 65 -15.92 14.08 13.38
C ILE B 65 -17.20 14.36 14.16
N GLU B 66 -17.66 15.61 14.09
CA GLU B 66 -18.87 16.00 14.78
C GLU B 66 -20.11 15.35 14.15
N GLN B 67 -20.14 15.30 12.82
CA GLN B 67 -21.25 14.71 12.10
C GLN B 67 -21.23 13.19 12.16
N LYS B 68 -20.04 12.62 12.17
CA LYS B 68 -19.90 11.16 12.23
C LYS B 68 -20.05 10.61 13.65
N SER B 69 -21.28 10.68 14.17
CA SER B 69 -21.59 10.21 15.51
C SER B 69 -20.61 10.74 16.56
N PRO B 79 -20.07 16.74 23.35
CA PRO B 79 -19.99 18.15 23.78
C PRO B 79 -18.68 18.84 23.38
N GLU B 80 -17.58 18.12 23.50
CA GLU B 80 -16.23 18.62 23.21
C GLU B 80 -15.96 18.97 21.74
N VAL B 81 -16.43 18.13 20.82
CA VAL B 81 -16.20 18.38 19.40
C VAL B 81 -16.69 19.74 18.97
N ARG B 82 -17.94 20.03 19.30
CA ARG B 82 -18.54 21.30 18.96
C ARG B 82 -17.79 22.49 19.57
N GLU B 83 -17.56 22.44 20.88
CA GLU B 83 -16.84 23.53 21.55
C GLU B 83 -15.49 23.79 20.92
N TYR B 84 -14.78 22.73 20.54
CA TYR B 84 -13.48 22.92 19.93
C TYR B 84 -13.61 23.39 18.47
N ARG B 85 -14.58 22.87 17.73
CA ARG B 85 -14.77 23.33 16.35
C ARG B 85 -15.02 24.83 16.34
N GLU B 86 -15.83 25.29 17.30
CA GLU B 86 -16.14 26.69 17.38
C GLU B 86 -14.91 27.54 17.69
N LYS B 87 -14.01 27.01 18.53
CA LYS B 87 -12.79 27.76 18.84
C LYS B 87 -11.95 27.95 17.57
N VAL B 88 -11.76 26.86 16.84
CA VAL B 88 -11.01 26.89 15.59
C VAL B 88 -11.66 27.84 14.58
N GLU B 89 -12.98 27.75 14.49
CA GLU B 89 -13.78 28.57 13.60
C GLU B 89 -13.61 30.06 13.89
N THR B 90 -13.66 30.38 15.17
CA THR B 90 -13.51 31.77 15.60
C THR B 90 -12.12 32.31 15.30
N GLU B 91 -11.13 31.44 15.46
CA GLU B 91 -9.76 31.80 15.19
C GLU B 91 -9.57 32.01 13.67
N LEU B 92 -10.27 31.20 12.87
CA LEU B 92 -10.19 31.33 11.43
C LEU B 92 -10.85 32.61 10.96
N GLN B 93 -11.98 32.97 11.57
CA GLN B 93 -12.68 34.19 11.19
C GLN B 93 -11.86 35.43 11.55
N GLY B 94 -11.01 35.29 12.57
CA GLY B 94 -10.16 36.39 12.98
C GLY B 94 -9.16 36.72 11.89
N VAL B 95 -8.53 35.68 11.35
CA VAL B 95 -7.56 35.86 10.26
C VAL B 95 -8.23 36.44 9.01
N CYS B 96 -9.37 35.86 8.60
CA CYS B 96 -10.06 36.37 7.43
C CYS B 96 -10.42 37.86 7.57
N ASP B 97 -10.89 38.27 8.76
CA ASP B 97 -11.22 39.68 8.96
C ASP B 97 -9.97 40.53 8.89
N THR B 98 -8.85 39.98 9.34
CA THR B 98 -7.60 40.72 9.30
C THR B 98 -7.15 40.91 7.84
N VAL B 99 -7.17 39.82 7.06
CA VAL B 99 -6.80 39.89 5.65
C VAL B 99 -7.72 40.85 4.90
N LEU B 100 -9.02 40.69 5.11
CA LEU B 100 -10.01 41.55 4.47
C LEU B 100 -9.88 43.03 4.83
N GLY B 101 -9.52 43.31 6.08
CA GLY B 101 -9.36 44.69 6.50
C GLY B 101 -8.13 45.28 5.85
N LEU B 102 -7.10 44.45 5.75
CA LEU B 102 -5.84 44.86 5.15
C LEU B 102 -6.07 45.21 3.68
N LEU B 103 -6.94 44.44 3.05
CA LEU B 103 -7.27 44.65 1.65
C LEU B 103 -8.12 45.87 1.42
N ASP B 104 -9.14 46.06 2.24
CA ASP B 104 -10.05 47.19 2.07
C ASP B 104 -9.47 48.57 2.39
N SER B 105 -8.47 48.64 3.26
CA SER B 105 -7.95 49.94 3.60
C SER B 105 -6.47 50.16 3.26
N HIS B 106 -5.88 49.27 2.48
CA HIS B 106 -4.47 49.42 2.11
C HIS B 106 -4.11 48.91 0.73
N LEU B 107 -4.78 47.85 0.28
CA LEU B 107 -4.45 47.23 -1.00
C LEU B 107 -5.42 47.43 -2.16
N ILE B 108 -6.69 47.06 -1.97
CA ILE B 108 -7.65 47.20 -3.07
C ILE B 108 -7.70 48.60 -3.68
N LYS B 109 -7.61 48.61 -5.02
CA LYS B 109 -7.59 49.83 -5.83
C LYS B 109 -6.73 50.94 -5.26
N GLU B 110 -5.79 50.56 -4.39
CA GLU B 110 -4.85 51.51 -3.81
C GLU B 110 -3.67 51.67 -4.77
N ALA B 111 -3.77 50.97 -5.90
CA ALA B 111 -2.76 50.98 -6.95
C ALA B 111 -3.37 51.34 -8.31
N GLY B 112 -2.66 50.98 -9.38
CA GLY B 112 -3.16 51.28 -10.71
C GLY B 112 -3.20 50.08 -11.63
N ASP B 113 -2.12 49.29 -11.64
CA ASP B 113 -2.02 48.12 -12.49
C ASP B 113 -3.25 47.23 -12.44
N ALA B 114 -3.59 46.64 -13.58
CA ALA B 114 -4.72 45.73 -13.65
C ALA B 114 -4.41 44.44 -12.90
N GLU B 115 -3.15 44.00 -12.98
CA GLU B 115 -2.74 42.79 -12.29
C GLU B 115 -2.82 42.93 -10.79
N SER B 116 -2.30 44.03 -10.27
CA SER B 116 -2.37 44.24 -8.83
C SER B 116 -3.83 44.37 -8.37
N ARG B 117 -4.66 45.01 -9.19
CA ARG B 117 -6.08 45.16 -8.82
C ARG B 117 -6.83 43.83 -8.83
N VAL B 118 -6.59 43.01 -9.84
CA VAL B 118 -7.24 41.73 -9.90
C VAL B 118 -6.77 40.82 -8.79
N PHE B 119 -5.46 40.85 -8.53
CA PHE B 119 -4.88 40.04 -7.47
C PHE B 119 -5.57 40.31 -6.12
N TYR B 120 -5.64 41.58 -5.73
CA TYR B 120 -6.28 41.96 -4.46
C TYR B 120 -7.78 41.63 -4.41
N LEU B 121 -8.52 41.89 -5.49
CA LEU B 121 -9.95 41.57 -5.48
C LEU B 121 -10.17 40.05 -5.43
N LYS B 122 -9.28 39.28 -6.06
CA LYS B 122 -9.43 37.83 -5.98
C LYS B 122 -9.21 37.39 -4.54
N MET B 123 -8.20 37.97 -3.91
CA MET B 123 -7.90 37.66 -2.53
C MET B 123 -9.10 37.97 -1.62
N LYS B 124 -9.80 39.05 -1.93
CA LYS B 124 -11.00 39.38 -1.17
C LYS B 124 -12.06 38.31 -1.36
N GLY B 125 -12.19 37.81 -2.59
CA GLY B 125 -13.14 36.76 -2.89
C GLY B 125 -12.81 35.49 -2.14
N ASP B 126 -11.54 35.09 -2.17
CA ASP B 126 -11.10 33.87 -1.45
C ASP B 126 -11.39 33.92 0.04
N TYR B 127 -11.07 35.04 0.70
CA TYR B 127 -11.31 35.11 2.15
C TYR B 127 -12.78 35.21 2.54
N TYR B 128 -13.60 35.81 1.68
CA TYR B 128 -15.00 35.79 1.97
C TYR B 128 -15.48 34.36 1.74
N ARG B 129 -14.90 33.71 0.72
CA ARG B 129 -15.26 32.31 0.45
C ARG B 129 -14.97 31.43 1.66
N TYR B 130 -13.82 31.65 2.30
CA TYR B 130 -13.48 30.85 3.49
C TYR B 130 -14.46 31.14 4.61
N LEU B 131 -14.77 32.43 4.78
CA LEU B 131 -15.74 32.81 5.81
C LEU B 131 -17.08 32.12 5.50
N ALA B 132 -17.39 31.98 4.21
CA ALA B 132 -18.63 31.31 3.82
C ALA B 132 -18.61 29.82 4.14
N GLU B 133 -17.44 29.19 4.10
CA GLU B 133 -17.38 27.75 4.38
C GLU B 133 -17.87 27.39 5.78
N VAL B 134 -17.70 28.32 6.74
CA VAL B 134 -18.08 28.06 8.13
C VAL B 134 -19.31 28.85 8.63
N ALA B 135 -19.93 29.65 7.77
CA ALA B 135 -21.10 30.42 8.18
C ALA B 135 -22.40 29.65 8.01
N THR B 136 -23.45 30.12 8.69
CA THR B 136 -24.77 29.51 8.62
C THR B 136 -25.87 30.51 8.23
N GLY B 137 -26.96 29.98 7.70
CA GLY B 137 -28.11 30.76 7.26
C GLY B 137 -28.07 32.28 7.36
N ASP B 138 -28.44 32.94 6.27
CA ASP B 138 -28.46 34.41 6.19
C ASP B 138 -27.09 35.08 6.29
N ASP B 139 -26.35 34.81 7.36
CA ASP B 139 -25.01 35.37 7.46
C ASP B 139 -24.19 34.79 6.31
N LYS B 140 -24.52 33.55 5.97
CA LYS B 140 -23.87 32.88 4.87
C LYS B 140 -24.21 33.55 3.55
N LYS B 141 -25.50 33.83 3.34
CA LYS B 141 -25.98 34.50 2.13
C LYS B 141 -25.31 35.85 1.92
N ARG B 142 -25.12 36.61 3.00
CA ARG B 142 -24.47 37.89 2.90
C ARG B 142 -23.00 37.74 2.50
N ILE B 143 -22.32 36.81 3.19
CA ILE B 143 -20.91 36.55 2.94
C ILE B 143 -20.70 36.03 1.53
N ILE B 144 -21.57 35.11 1.10
CA ILE B 144 -21.51 34.53 -0.22
C ILE B 144 -21.64 35.59 -1.30
N ASP B 145 -22.53 36.53 -1.08
CA ASP B 145 -22.75 37.58 -2.07
C ASP B 145 -21.61 38.58 -2.11
N SER B 146 -20.94 38.80 -0.98
CA SER B 146 -19.83 39.73 -1.00
C SER B 146 -18.60 39.06 -1.62
N ALA B 147 -18.60 37.73 -1.58
CA ALA B 147 -17.51 36.96 -2.19
C ALA B 147 -17.62 36.99 -3.70
N ARG B 148 -18.84 36.81 -4.19
CA ARG B 148 -19.11 36.82 -5.62
C ARG B 148 -18.87 38.17 -6.29
N SER B 149 -19.26 39.26 -5.63
CA SER B 149 -19.07 40.56 -6.24
C SER B 149 -17.60 40.89 -6.35
N ALA B 150 -16.80 40.36 -5.44
CA ALA B 150 -15.37 40.57 -5.48
C ALA B 150 -14.76 39.75 -6.65
N TYR B 151 -15.19 38.50 -6.77
CA TYR B 151 -14.68 37.65 -7.84
C TYR B 151 -15.10 38.21 -9.19
N GLN B 152 -16.38 38.57 -9.29
CA GLN B 152 -16.92 39.11 -10.53
C GLN B 152 -16.21 40.41 -10.95
N GLU B 153 -15.94 41.30 -10.01
CA GLU B 153 -15.26 42.53 -10.36
C GLU B 153 -13.82 42.26 -10.81
N ALA B 154 -13.21 41.24 -10.22
CA ALA B 154 -11.84 40.85 -10.58
C ALA B 154 -11.87 40.22 -11.97
N MET B 155 -12.95 39.48 -12.22
CA MET B 155 -13.16 38.81 -13.50
C MET B 155 -13.39 39.80 -14.63
N ASP B 156 -14.19 40.83 -14.36
CA ASP B 156 -14.46 41.87 -15.36
C ASP B 156 -13.17 42.57 -15.78
N ILE B 157 -12.32 42.85 -14.80
CA ILE B 157 -11.05 43.53 -15.06
C ILE B 157 -10.08 42.64 -15.80
N SER B 158 -10.09 41.35 -15.50
CA SER B 158 -9.15 40.44 -16.15
C SER B 158 -9.47 40.19 -17.61
N LYS B 159 -10.76 40.10 -17.93
CA LYS B 159 -11.18 39.86 -19.29
C LYS B 159 -10.97 41.05 -20.22
N LYS B 160 -10.79 42.23 -19.64
CA LYS B 160 -10.57 43.42 -20.44
C LYS B 160 -9.11 43.86 -20.44
N GLU B 161 -8.37 43.47 -19.41
CA GLU B 161 -6.96 43.85 -19.24
C GLU B 161 -5.93 42.74 -19.43
N MET B 162 -6.35 41.48 -19.36
CA MET B 162 -5.36 40.39 -19.46
C MET B 162 -5.65 39.31 -20.49
N PRO B 163 -4.59 38.76 -21.10
CA PRO B 163 -4.75 37.70 -22.11
C PRO B 163 -5.22 36.44 -21.37
N PRO B 164 -5.91 35.54 -22.07
CA PRO B 164 -6.42 34.29 -21.47
C PRO B 164 -5.41 33.35 -20.81
N THR B 165 -4.13 33.66 -20.87
CA THR B 165 -3.15 32.79 -20.25
C THR B 165 -2.41 33.41 -19.08
N ASN B 166 -2.70 34.68 -18.80
CA ASN B 166 -2.07 35.34 -17.67
C ASN B 166 -2.40 34.54 -16.41
N PRO B 167 -1.39 34.11 -15.65
CA PRO B 167 -1.59 33.32 -14.44
C PRO B 167 -2.52 33.88 -13.35
N ILE B 168 -2.58 35.19 -13.21
CA ILE B 168 -3.46 35.78 -12.22
C ILE B 168 -4.91 35.58 -12.66
N ARG B 169 -5.20 35.89 -13.92
CA ARG B 169 -6.53 35.72 -14.46
C ARG B 169 -7.01 34.27 -14.31
N LEU B 170 -6.12 33.32 -14.59
CA LEU B 170 -6.41 31.89 -14.48
C LEU B 170 -6.61 31.46 -13.01
N GLY B 171 -5.76 31.99 -12.13
CA GLY B 171 -5.89 31.68 -10.72
C GLY B 171 -7.26 32.19 -10.26
N LEU B 172 -7.61 33.39 -10.70
CA LEU B 172 -8.91 33.97 -10.37
C LEU B 172 -10.06 33.13 -10.90
N ALA B 173 -10.00 32.77 -12.18
CA ALA B 173 -11.04 31.94 -12.76
C ALA B 173 -11.10 30.57 -12.07
N LEU B 174 -9.95 30.02 -11.72
CA LEU B 174 -9.95 28.72 -11.01
C LEU B 174 -10.74 28.83 -9.72
N ASN B 175 -10.32 29.75 -8.86
CA ASN B 175 -10.98 29.94 -7.56
C ASN B 175 -12.45 30.36 -7.69
N PHE B 176 -12.79 31.15 -8.71
CA PHE B 176 -14.18 31.53 -8.88
C PHE B 176 -15.03 30.31 -9.21
N SER B 177 -14.44 29.33 -9.91
CA SER B 177 -15.20 28.11 -10.24
C SER B 177 -15.37 27.25 -8.99
N VAL B 178 -14.36 27.23 -8.12
CA VAL B 178 -14.48 26.49 -6.87
C VAL B 178 -15.63 27.09 -6.08
N PHE B 179 -15.73 28.42 -6.15
CA PHE B 179 -16.80 29.13 -5.48
C PHE B 179 -18.16 28.62 -5.99
N HIS B 180 -18.34 28.59 -7.30
CA HIS B 180 -19.61 28.11 -7.86
C HIS B 180 -19.97 26.71 -7.42
N TYR B 181 -19.01 25.79 -7.51
CA TYR B 181 -19.25 24.39 -7.13
C TYR B 181 -19.45 24.14 -5.63
N GLU B 182 -18.46 24.50 -4.81
CA GLU B 182 -18.53 24.24 -3.37
C GLU B 182 -19.28 25.24 -2.49
N ILE B 183 -19.51 26.46 -2.96
CA ILE B 183 -20.17 27.48 -2.12
C ILE B 183 -21.56 27.91 -2.61
N ALA B 184 -21.66 28.34 -3.86
CA ALA B 184 -22.91 28.79 -4.44
C ALA B 184 -23.81 27.66 -4.90
N ASN B 185 -23.39 26.43 -4.67
CA ASN B 185 -24.16 25.24 -5.06
C ASN B 185 -24.62 25.19 -6.52
N SER B 186 -23.77 25.66 -7.44
CA SER B 186 -24.11 25.62 -8.86
C SER B 186 -23.01 24.90 -9.64
N PRO B 187 -23.04 23.57 -9.65
CA PRO B 187 -22.08 22.71 -10.34
C PRO B 187 -22.02 22.99 -11.84
N GLU B 188 -23.19 23.27 -12.41
CA GLU B 188 -23.31 23.59 -13.82
C GLU B 188 -22.36 24.73 -14.22
N GLU B 189 -22.54 25.87 -13.57
CA GLU B 189 -21.75 27.06 -13.82
C GLU B 189 -20.27 26.86 -13.57
N ALA B 190 -19.93 26.17 -12.49
CA ALA B 190 -18.54 25.90 -12.15
C ALA B 190 -17.83 25.16 -13.27
N ILE B 191 -18.45 24.08 -13.74
CA ILE B 191 -17.91 23.26 -14.80
C ILE B 191 -17.71 24.01 -16.11
N SER B 192 -18.71 24.76 -16.54
CA SER B 192 -18.57 25.50 -17.80
C SER B 192 -17.49 26.58 -17.75
N LEU B 193 -17.37 27.29 -16.61
CA LEU B 193 -16.33 28.33 -16.48
C LEU B 193 -14.94 27.70 -16.45
N ALA B 194 -14.80 26.60 -15.72
CA ALA B 194 -13.53 25.89 -15.64
C ALA B 194 -13.14 25.33 -17.02
N LYS B 195 -14.12 24.83 -17.75
CA LYS B 195 -13.88 24.28 -19.07
C LYS B 195 -13.59 25.38 -20.08
N THR B 196 -14.35 26.45 -19.99
CA THR B 196 -14.20 27.60 -20.87
C THR B 196 -12.89 28.33 -20.62
N THR B 197 -12.45 28.33 -19.37
CA THR B 197 -11.20 28.98 -19.01
C THR B 197 -10.02 28.17 -19.51
N PHE B 198 -10.19 26.86 -19.42
CA PHE B 198 -9.16 25.93 -19.85
C PHE B 198 -8.94 25.99 -21.36
N ASP B 199 -10.02 25.84 -22.12
CA ASP B 199 -9.95 25.88 -23.58
C ASP B 199 -9.33 27.16 -24.11
N GLU B 200 -9.87 28.30 -23.69
CA GLU B 200 -9.35 29.58 -24.15
C GLU B 200 -7.91 29.77 -23.73
N ALA B 201 -7.51 29.01 -22.71
CA ALA B 201 -6.13 29.03 -22.24
C ALA B 201 -5.26 28.22 -23.19
N MET B 202 -5.66 26.98 -23.45
CA MET B 202 -4.93 26.11 -24.37
C MET B 202 -4.75 26.80 -25.72
N ALA B 203 -5.88 27.26 -26.28
CA ALA B 203 -5.93 27.93 -27.57
C ALA B 203 -4.98 29.12 -27.71
N ASP B 204 -4.19 29.40 -26.67
CA ASP B 204 -3.25 30.51 -26.69
C ASP B 204 -1.89 30.12 -26.12
N LEU B 205 -1.83 28.97 -25.48
CA LEU B 205 -0.61 28.47 -24.86
C LEU B 205 0.64 28.69 -25.73
N HIS B 206 0.47 28.72 -27.04
CA HIS B 206 1.58 28.93 -27.95
C HIS B 206 2.17 30.33 -27.81
N THR B 207 3.45 30.38 -27.48
CA THR B 207 4.13 31.66 -27.28
C THR B 207 3.55 32.39 -26.07
N LEU B 208 3.50 31.67 -24.95
CA LEU B 208 2.98 32.21 -23.70
C LEU B 208 4.13 32.80 -22.89
N SER B 209 5.30 32.86 -23.52
CA SER B 209 6.51 33.39 -22.91
C SER B 209 6.92 32.67 -21.63
N GLU B 210 8.21 32.32 -21.55
CA GLU B 210 8.76 31.62 -20.39
C GLU B 210 8.58 32.42 -19.12
N ASP B 211 7.96 33.59 -19.27
CA ASP B 211 7.70 34.50 -18.14
C ASP B 211 6.80 33.89 -17.07
N SER B 212 5.53 33.71 -17.41
CA SER B 212 4.56 33.15 -16.48
C SER B 212 4.16 31.74 -16.85
N TYR B 213 4.97 31.12 -17.70
CA TYR B 213 4.72 29.76 -18.17
C TYR B 213 4.43 28.75 -17.06
N LYS B 214 5.41 28.58 -16.17
CA LYS B 214 5.29 27.63 -15.07
C LYS B 214 4.00 27.81 -14.26
N ASP B 215 3.65 29.05 -13.92
CA ASP B 215 2.44 29.33 -13.14
C ASP B 215 1.14 28.98 -13.86
N SER B 216 0.92 29.58 -15.02
CA SER B 216 -0.31 29.29 -15.75
C SER B 216 -0.46 27.80 -16.05
N THR B 217 0.65 27.14 -16.32
CA THR B 217 0.67 25.70 -16.60
C THR B 217 0.14 24.89 -15.42
N LEU B 218 0.58 25.25 -14.21
CA LEU B 218 0.12 24.57 -13.00
C LEU B 218 -1.35 24.80 -12.70
N ILE B 219 -1.83 26.01 -12.96
CA ILE B 219 -3.24 26.35 -12.72
C ILE B 219 -4.13 25.63 -13.74
N MET B 220 -3.62 25.52 -14.97
CA MET B 220 -4.35 24.82 -16.01
C MET B 220 -4.55 23.36 -15.62
N GLN B 221 -3.54 22.78 -14.97
CA GLN B 221 -3.69 21.42 -14.52
C GLN B 221 -4.71 21.34 -13.39
N LEU B 222 -4.68 22.31 -12.48
CA LEU B 222 -5.65 22.33 -11.38
C LEU B 222 -7.07 22.42 -11.93
N LEU B 223 -7.25 23.19 -13.00
CA LEU B 223 -8.56 23.31 -13.62
C LEU B 223 -9.06 21.95 -14.08
N ARG B 224 -8.17 21.19 -14.71
CA ARG B 224 -8.49 19.86 -15.20
C ARG B 224 -8.84 18.92 -14.05
N ASP B 225 -8.00 18.89 -13.03
CA ASP B 225 -8.28 18.04 -11.89
C ASP B 225 -9.69 18.29 -11.37
N ASN B 226 -10.05 19.57 -11.24
CA ASN B 226 -11.40 19.92 -10.79
C ASN B 226 -12.47 19.41 -11.75
N LEU B 227 -12.29 19.65 -13.04
CA LEU B 227 -13.27 19.18 -14.03
C LEU B 227 -13.50 17.68 -13.88
N THR B 228 -12.42 16.94 -13.67
CA THR B 228 -12.52 15.48 -13.49
C THR B 228 -13.30 15.12 -12.22
N LEU B 229 -12.89 15.71 -11.10
CA LEU B 229 -13.55 15.46 -9.83
C LEU B 229 -15.03 15.87 -9.86
N TRP B 230 -15.33 16.98 -10.54
CA TRP B 230 -16.71 17.48 -10.60
C TRP B 230 -17.64 16.66 -11.48
N THR B 231 -17.10 16.01 -12.50
CA THR B 231 -17.90 15.18 -13.38
C THR B 231 -17.90 13.71 -12.96
N MET C 1 -12.45 22.72 32.97
CA MET C 1 -13.42 21.66 32.57
C MET C 1 -12.94 20.28 33.03
N GLU C 2 -13.83 19.29 32.96
CA GLU C 2 -13.51 17.92 33.37
C GLU C 2 -12.26 17.36 32.68
N ARG C 3 -11.46 16.63 33.45
CA ARG C 3 -10.24 16.02 32.93
C ARG C 3 -10.52 15.17 31.69
N ALA C 4 -11.56 14.35 31.76
CA ALA C 4 -11.94 13.49 30.65
C ALA C 4 -12.19 14.25 29.36
N SER C 5 -12.76 15.45 29.45
CA SER C 5 -13.00 16.21 28.24
C SER C 5 -11.71 16.91 27.76
N LEU C 6 -10.78 17.20 28.68
CA LEU C 6 -9.51 17.78 28.30
C LEU C 6 -8.73 16.76 27.47
N ILE C 7 -8.77 15.51 27.92
CA ILE C 7 -8.10 14.43 27.20
C ILE C 7 -8.75 14.25 25.82
N GLN C 8 -10.08 14.26 25.78
CA GLN C 8 -10.79 14.13 24.51
C GLN C 8 -10.41 15.24 23.55
N LYS C 9 -10.33 16.46 24.04
CA LYS C 9 -9.96 17.55 23.16
C LYS C 9 -8.53 17.41 22.66
N ALA C 10 -7.64 16.87 23.49
CA ALA C 10 -6.27 16.64 23.06
C ALA C 10 -6.25 15.67 21.87
N LYS C 11 -7.13 14.68 21.92
CA LYS C 11 -7.25 13.69 20.85
C LYS C 11 -7.84 14.30 19.60
N LEU C 12 -8.83 15.18 19.77
CA LEU C 12 -9.42 15.84 18.62
C LEU C 12 -8.38 16.77 17.97
N ALA C 13 -7.66 17.49 18.82
CA ALA C 13 -6.61 18.40 18.36
C ALA C 13 -5.53 17.65 17.59
N GLU C 14 -5.18 16.47 18.07
CA GLU C 14 -4.18 15.66 17.39
C GLU C 14 -4.66 15.27 16.00
N GLN C 15 -5.94 14.94 15.88
CA GLN C 15 -6.50 14.58 14.59
C GLN C 15 -6.55 15.81 13.69
N ALA C 16 -6.81 16.96 14.29
CA ALA C 16 -6.88 18.22 13.56
C ALA C 16 -5.48 18.78 13.29
N GLU C 17 -4.48 18.09 13.83
CA GLU C 17 -3.09 18.49 13.69
C GLU C 17 -2.79 19.85 14.29
N ARG C 18 -3.48 20.16 15.38
CA ARG C 18 -3.23 21.40 16.09
C ARG C 18 -2.53 21.06 17.41
N TYR C 19 -1.24 20.78 17.27
CA TYR C 19 -0.38 20.38 18.37
C TYR C 19 -0.29 21.39 19.48
N GLU C 20 -0.28 22.66 19.13
CA GLU C 20 -0.23 23.68 20.15
C GLU C 20 -1.44 23.57 21.06
N ASP C 21 -2.62 23.40 20.46
CA ASP C 21 -3.84 23.25 21.24
C ASP C 21 -3.77 21.97 22.06
N MET C 22 -3.33 20.90 21.41
CA MET C 22 -3.17 19.62 22.07
C MET C 22 -2.31 19.74 23.33
N ALA C 23 -1.12 20.32 23.17
CA ALA C 23 -0.22 20.50 24.31
C ALA C 23 -0.91 21.20 25.46
N ALA C 24 -1.65 22.27 25.17
CA ALA C 24 -2.37 23.02 26.20
C ALA C 24 -3.49 22.21 26.85
N PHE C 25 -4.05 21.26 26.11
CA PHE C 25 -5.11 20.42 26.67
C PHE C 25 -4.48 19.41 27.61
N MET C 26 -3.39 18.79 27.19
CA MET C 26 -2.71 17.82 28.06
C MET C 26 -2.17 18.52 29.30
N LYS C 27 -1.74 19.76 29.16
CA LYS C 27 -1.24 20.50 30.31
C LYS C 27 -2.33 20.67 31.36
N GLY C 28 -3.56 20.91 30.89
CA GLY C 28 -4.68 21.05 31.80
C GLY C 28 -4.95 19.72 32.48
N ALA C 29 -4.85 18.65 31.70
CA ALA C 29 -5.06 17.31 32.25
C ALA C 29 -4.03 17.04 33.34
N VAL C 30 -2.76 17.32 33.04
CA VAL C 30 -1.68 17.10 33.99
C VAL C 30 -1.91 17.87 35.27
N GLU C 31 -2.42 19.09 35.14
CA GLU C 31 -2.67 19.91 36.31
C GLU C 31 -3.83 19.42 37.17
N LYS C 32 -4.61 18.48 36.66
CA LYS C 32 -5.71 17.93 37.45
C LYS C 32 -5.19 17.15 38.68
N GLY C 33 -3.93 16.73 38.63
CA GLY C 33 -3.35 16.01 39.74
C GLY C 33 -3.35 14.50 39.66
N GLU C 34 -4.11 13.94 38.72
CA GLU C 34 -4.17 12.49 38.55
C GLU C 34 -3.04 11.98 37.66
N GLU C 35 -2.58 10.77 37.92
CA GLU C 35 -1.53 10.19 37.12
C GLU C 35 -1.99 9.97 35.70
N LEU C 36 -1.06 10.04 34.76
CA LEU C 36 -1.38 9.82 33.36
C LEU C 36 -1.24 8.35 33.02
N SER C 37 -2.13 7.84 32.18
CA SER C 37 -2.04 6.44 31.79
C SER C 37 -1.01 6.33 30.68
N CYS C 38 -0.73 5.12 30.23
CA CYS C 38 0.25 4.99 29.16
C CYS C 38 -0.18 5.80 27.95
N GLU C 39 -1.40 5.60 27.47
CA GLU C 39 -1.89 6.35 26.31
C GLU C 39 -1.84 7.86 26.54
N GLU C 40 -2.18 8.30 27.75
CA GLU C 40 -2.16 9.72 28.07
C GLU C 40 -0.75 10.30 28.05
N ARG C 41 0.22 9.53 28.53
CA ARG C 41 1.59 10.03 28.52
C ARG C 41 2.08 10.20 27.09
N ASN C 42 1.66 9.31 26.20
CA ASN C 42 2.05 9.42 24.80
C ASN C 42 1.40 10.62 24.13
N LEU C 43 0.17 10.94 24.55
CA LEU C 43 -0.52 12.11 24.03
C LEU C 43 0.26 13.37 24.43
N LEU C 44 0.66 13.42 25.70
CA LEU C 44 1.42 14.56 26.22
C LEU C 44 2.74 14.77 25.47
N SER C 45 3.48 13.70 25.20
CA SER C 45 4.76 13.83 24.50
C SER C 45 4.60 14.13 23.02
N VAL C 46 3.58 13.54 22.38
CA VAL C 46 3.32 13.82 20.97
C VAL C 46 3.06 15.31 20.79
N ALA C 47 2.21 15.84 21.65
CA ALA C 47 1.86 17.25 21.60
C ALA C 47 3.10 18.13 21.59
N TYR C 48 3.74 18.25 22.75
CA TYR C 48 4.92 19.08 22.88
C TYR C 48 6.05 18.76 21.92
N LYS C 49 6.22 17.48 21.59
CA LYS C 49 7.27 17.11 20.66
C LYS C 49 7.03 17.79 19.31
N ASN C 50 5.78 17.73 18.82
CA ASN C 50 5.44 18.38 17.56
C ASN C 50 5.56 19.90 17.65
N VAL C 51 5.22 20.47 18.79
CA VAL C 51 5.34 21.91 18.95
C VAL C 51 6.80 22.33 18.88
N VAL C 52 7.64 21.65 19.64
CA VAL C 52 9.07 21.95 19.67
C VAL C 52 9.79 21.52 18.39
N GLY C 53 9.33 20.42 17.79
CA GLY C 53 9.95 19.97 16.56
C GLY C 53 9.91 21.08 15.52
N GLY C 54 8.84 21.86 15.52
CA GLY C 54 8.70 22.95 14.58
C GLY C 54 9.61 24.12 14.86
N GLN C 55 9.78 24.47 16.13
CA GLN C 55 10.64 25.58 16.48
C GLN C 55 12.10 25.24 16.18
N ARG C 56 12.48 24.02 16.52
CA ARG C 56 13.83 23.55 16.27
C ARG C 56 14.18 23.65 14.80
N ALA C 57 13.39 22.98 13.98
CA ALA C 57 13.59 22.98 12.53
C ALA C 57 13.67 24.40 12.00
N ALA C 58 12.92 25.32 12.62
CA ALA C 58 12.95 26.71 12.20
C ALA C 58 14.25 27.36 12.62
N TRP C 59 14.66 27.08 13.86
CA TRP C 59 15.91 27.62 14.39
C TRP C 59 17.09 27.12 13.57
N ARG C 60 17.02 25.86 13.16
CA ARG C 60 18.10 25.29 12.36
C ARG C 60 18.17 25.85 10.94
N VAL C 61 17.06 26.40 10.47
CA VAL C 61 17.05 27.02 9.15
C VAL C 61 17.64 28.42 9.26
N LEU C 62 17.17 29.16 10.25
CA LEU C 62 17.65 30.51 10.49
C LEU C 62 19.12 30.55 10.87
N SER C 63 19.62 29.46 11.46
CA SER C 63 21.02 29.39 11.86
C SER C 63 21.89 29.19 10.64
N SER C 64 21.63 28.15 9.86
CA SER C 64 22.42 27.93 8.65
C SER C 64 22.37 29.15 7.74
N ILE C 65 21.21 29.79 7.67
CA ILE C 65 21.09 31.00 6.86
C ILE C 65 22.06 32.06 7.38
N GLU C 66 22.11 32.18 8.69
CA GLU C 66 23.00 33.14 9.33
C GLU C 66 24.45 32.68 9.23
N GLN C 67 24.61 31.36 9.11
CA GLN C 67 25.92 30.73 9.00
C GLN C 67 26.71 30.72 10.31
N LYS C 68 25.96 30.64 11.43
CA LYS C 68 26.53 30.62 12.78
C LYS C 68 27.31 31.88 13.14
N SER C 69 27.61 32.68 12.12
CA SER C 69 28.36 33.93 12.29
C SER C 69 28.34 34.79 11.02
N ASN C 70 29.06 34.34 9.99
CA ASN C 70 29.13 35.05 8.72
C ASN C 70 27.80 35.02 7.96
N PRO C 79 21.82 41.49 10.36
CA PRO C 79 20.89 42.16 11.28
C PRO C 79 19.61 41.35 11.46
N GLU C 80 18.63 41.65 10.62
CA GLU C 80 17.32 40.99 10.64
C GLU C 80 17.40 39.51 10.99
N VAL C 81 18.27 38.79 10.29
CA VAL C 81 18.43 37.36 10.52
C VAL C 81 18.75 37.02 11.96
N ARG C 82 19.56 37.86 12.59
CA ARG C 82 19.94 37.66 13.99
C ARG C 82 18.74 37.83 14.90
N GLU C 83 18.06 38.95 14.73
CA GLU C 83 16.88 39.29 15.53
C GLU C 83 15.77 38.24 15.48
N TYR C 84 15.50 37.73 14.29
CA TYR C 84 14.45 36.72 14.14
C TYR C 84 14.83 35.38 14.78
N ARG C 85 16.08 34.95 14.60
CA ARG C 85 16.51 33.68 15.20
C ARG C 85 16.38 33.74 16.71
N GLU C 86 16.75 34.86 17.29
CA GLU C 86 16.66 35.02 18.73
C GLU C 86 15.22 34.91 19.22
N LYS C 87 14.29 35.42 18.42
CA LYS C 87 12.88 35.34 18.76
C LYS C 87 12.38 33.90 18.73
N VAL C 88 12.85 33.13 17.75
CA VAL C 88 12.46 31.74 17.69
C VAL C 88 13.04 30.97 18.86
N GLU C 89 14.21 31.42 19.32
CA GLU C 89 14.86 30.79 20.46
C GLU C 89 14.03 30.98 21.69
N THR C 90 13.74 32.24 21.98
CA THR C 90 12.94 32.63 23.12
C THR C 90 11.69 31.77 23.20
N GLU C 91 11.06 31.58 22.04
CA GLU C 91 9.86 30.78 21.98
C GLU C 91 10.13 29.32 22.33
N LEU C 92 11.15 28.74 21.71
CA LEU C 92 11.53 27.36 21.97
C LEU C 92 11.77 27.14 23.45
N GLN C 93 12.50 28.08 24.06
CA GLN C 93 12.82 28.04 25.47
C GLN C 93 11.56 28.11 26.33
N GLY C 94 10.60 28.90 25.85
CA GLY C 94 9.34 29.06 26.55
C GLY C 94 8.61 27.73 26.62
N VAL C 95 8.53 27.04 25.49
CA VAL C 95 7.88 25.74 25.45
C VAL C 95 8.62 24.73 26.32
N CYS C 96 9.95 24.72 26.19
CA CYS C 96 10.78 23.83 26.99
C CYS C 96 10.59 24.08 28.48
N ASP C 97 10.52 25.36 28.84
CA ASP C 97 10.31 25.75 30.22
C ASP C 97 8.98 25.26 30.79
N THR C 98 7.88 25.42 30.04
CA THR C 98 6.61 24.95 30.57
C THR C 98 6.58 23.43 30.64
N VAL C 99 7.29 22.74 29.74
CA VAL C 99 7.35 21.29 29.82
C VAL C 99 8.13 20.87 31.08
N LEU C 100 9.23 21.57 31.36
CA LEU C 100 10.04 21.28 32.54
C LEU C 100 9.29 21.56 33.86
N GLY C 101 8.42 22.57 33.84
CA GLY C 101 7.66 22.87 35.05
C GLY C 101 6.61 21.80 35.26
N LEU C 102 6.03 21.33 34.16
CA LEU C 102 5.02 20.30 34.21
C LEU C 102 5.60 19.03 34.84
N LEU C 103 6.82 18.70 34.44
CA LEU C 103 7.52 17.53 34.95
C LEU C 103 8.02 17.70 36.38
N ASP C 104 8.64 18.84 36.67
CA ASP C 104 9.19 19.07 38.00
C ASP C 104 8.18 19.45 39.07
N SER C 105 7.11 20.13 38.69
CA SER C 105 6.12 20.49 39.68
C SER C 105 4.88 19.60 39.68
N HIS C 106 4.88 18.54 38.88
CA HIS C 106 3.73 17.62 38.83
C HIS C 106 4.05 16.15 38.58
N LEU C 107 4.44 15.87 37.35
CA LEU C 107 4.70 14.49 36.89
C LEU C 107 5.84 13.69 37.50
N ILE C 108 7.01 14.29 37.74
CA ILE C 108 8.11 13.51 38.29
C ILE C 108 7.93 13.09 39.74
N LYS C 109 8.11 11.79 39.96
CA LYS C 109 7.99 11.10 41.24
C LYS C 109 6.56 10.98 41.74
N GLU C 110 5.66 11.85 41.29
CA GLU C 110 4.27 11.72 41.71
C GLU C 110 3.73 10.41 41.10
N ALA C 111 4.63 9.71 40.40
CA ALA C 111 4.34 8.44 39.75
C ALA C 111 4.91 7.26 40.53
N GLY C 112 4.37 6.07 40.28
CA GLY C 112 4.84 4.89 40.98
C GLY C 112 5.65 3.91 40.16
N ASP C 113 5.03 3.31 39.14
CA ASP C 113 5.71 2.33 38.31
C ASP C 113 6.97 2.86 37.64
N ALA C 114 7.95 1.97 37.49
CA ALA C 114 9.22 2.30 36.86
C ALA C 114 9.03 2.98 35.51
N GLU C 115 8.23 2.36 34.65
CA GLU C 115 7.95 2.89 33.33
C GLU C 115 7.77 4.40 33.30
N SER C 116 6.70 4.88 33.94
CA SER C 116 6.42 6.31 33.98
C SER C 116 7.59 7.12 34.52
N ARG C 117 8.23 6.62 35.59
CA ARG C 117 9.36 7.34 36.17
C ARG C 117 10.48 7.54 35.16
N VAL C 118 10.78 6.51 34.38
CA VAL C 118 11.80 6.61 33.34
C VAL C 118 11.33 7.51 32.20
N PHE C 119 10.04 7.44 31.90
CA PHE C 119 9.46 8.23 30.82
C PHE C 119 9.56 9.73 31.06
N TYR C 120 9.30 10.16 32.28
CA TYR C 120 9.38 11.58 32.62
C TYR C 120 10.80 12.07 32.77
N LEU C 121 11.67 11.25 33.34
CA LEU C 121 13.06 11.66 33.47
C LEU C 121 13.69 11.72 32.08
N LYS C 122 13.26 10.82 31.19
CA LYS C 122 13.74 10.84 29.82
C LYS C 122 13.29 12.14 29.17
N MET C 123 12.00 12.42 29.29
CA MET C 123 11.42 13.65 28.74
C MET C 123 12.19 14.86 29.26
N LYS C 124 12.55 14.84 30.54
CA LYS C 124 13.30 15.92 31.14
C LYS C 124 14.68 16.05 30.50
N GLY C 125 15.27 14.91 30.16
CA GLY C 125 16.57 14.91 29.53
C GLY C 125 16.40 15.45 28.12
N ASP C 126 15.35 15.01 27.45
CA ASP C 126 15.04 15.44 26.08
C ASP C 126 14.88 16.95 25.94
N TYR C 127 14.14 17.59 26.85
CA TYR C 127 13.97 19.03 26.71
C TYR C 127 15.17 19.85 27.16
N TYR C 128 15.96 19.33 28.09
CA TYR C 128 17.18 20.05 28.45
C TYR C 128 18.10 19.97 27.25
N ARG C 129 17.98 18.87 26.51
CA ARG C 129 18.78 18.69 25.30
C ARG C 129 18.39 19.73 24.25
N TYR C 130 17.09 19.97 24.10
CA TYR C 130 16.65 20.99 23.15
C TYR C 130 17.12 22.37 23.60
N LEU C 131 17.15 22.61 24.91
CA LEU C 131 17.63 23.90 25.39
C LEU C 131 19.12 24.02 25.09
N ALA C 132 19.84 22.92 25.25
CA ALA C 132 21.28 22.91 24.98
C ALA C 132 21.61 23.30 23.54
N GLU C 133 20.91 22.69 22.58
CA GLU C 133 21.14 22.97 21.16
C GLU C 133 21.24 24.46 20.84
N VAL C 134 20.38 25.26 21.44
CA VAL C 134 20.40 26.69 21.17
C VAL C 134 21.19 27.50 22.17
N ALA C 135 21.88 26.81 23.08
CA ALA C 135 22.68 27.51 24.08
C ALA C 135 24.16 27.55 23.73
N THR C 136 24.83 28.60 24.18
CA THR C 136 26.28 28.75 23.95
C THR C 136 27.00 29.13 25.24
N GLY C 137 28.32 29.22 25.15
CA GLY C 137 29.11 29.58 26.31
C GLY C 137 28.94 28.64 27.48
N ASP C 138 28.95 29.19 28.68
CA ASP C 138 28.79 28.37 29.88
C ASP C 138 27.36 27.91 30.10
N ASP C 139 26.41 28.65 29.56
CA ASP C 139 25.00 28.30 29.66
C ASP C 139 24.77 26.89 29.16
N LYS C 140 25.37 26.60 28.01
CA LYS C 140 25.26 25.29 27.41
C LYS C 140 25.81 24.22 28.35
N LYS C 141 26.95 24.51 28.95
CA LYS C 141 27.55 23.57 29.88
C LYS C 141 26.61 23.22 31.02
N ARG C 142 26.08 24.23 31.70
CA ARG C 142 25.17 23.96 32.81
C ARG C 142 23.97 23.13 32.35
N ILE C 143 23.47 23.46 31.16
CA ILE C 143 22.32 22.78 30.59
C ILE C 143 22.64 21.34 30.26
N ILE C 144 23.81 21.12 29.69
CA ILE C 144 24.25 19.78 29.35
C ILE C 144 24.32 18.91 30.61
N ASP C 145 24.74 19.52 31.73
CA ASP C 145 24.83 18.78 32.99
C ASP C 145 23.46 18.30 33.48
N SER C 146 22.54 19.24 33.63
CA SER C 146 21.21 18.89 34.10
C SER C 146 20.49 17.94 33.15
N ALA C 147 20.87 17.95 31.87
CA ALA C 147 20.28 17.03 30.92
C ALA C 147 20.86 15.64 31.18
N ARG C 148 22.16 15.62 31.40
CA ARG C 148 22.88 14.38 31.69
C ARG C 148 22.39 13.73 32.96
N SER C 149 22.24 14.53 34.02
CA SER C 149 21.77 13.95 35.27
C SER C 149 20.37 13.37 35.17
N ALA C 150 19.46 14.05 34.45
CA ALA C 150 18.11 13.50 34.29
C ALA C 150 18.13 12.19 33.50
N TYR C 151 18.86 12.19 32.38
CA TYR C 151 19.00 10.99 31.56
C TYR C 151 19.63 9.83 32.34
N GLN C 152 20.64 10.18 33.14
CA GLN C 152 21.33 9.16 33.93
C GLN C 152 20.40 8.51 34.93
N GLU C 153 19.66 9.33 35.66
CA GLU C 153 18.73 8.80 36.65
C GLU C 153 17.74 7.87 35.98
N ALA C 154 17.29 8.26 34.79
CA ALA C 154 16.37 7.45 34.04
C ALA C 154 17.07 6.15 33.66
N MET C 155 18.33 6.27 33.25
CA MET C 155 19.11 5.09 32.89
C MET C 155 19.29 4.17 34.08
N ASP C 156 19.57 4.74 35.25
CA ASP C 156 19.76 3.93 36.46
C ASP C 156 18.53 3.13 36.78
N ILE C 157 17.35 3.73 36.62
CA ILE C 157 16.12 3.03 36.91
C ILE C 157 15.77 2.00 35.84
N SER C 158 15.95 2.32 34.56
CA SER C 158 15.61 1.35 33.52
C SER C 158 16.46 0.08 33.61
N LYS C 159 17.75 0.26 33.89
CA LYS C 159 18.67 -0.87 33.99
C LYS C 159 18.31 -1.77 35.17
N LYS C 160 17.68 -1.17 36.17
CA LYS C 160 17.30 -1.88 37.37
C LYS C 160 15.87 -2.43 37.38
N GLU C 161 14.96 -1.78 36.65
CA GLU C 161 13.56 -2.19 36.65
C GLU C 161 13.06 -2.87 35.38
N MET C 162 13.64 -2.55 34.24
CA MET C 162 13.18 -3.14 32.98
C MET C 162 14.18 -4.03 32.27
N PRO C 163 13.70 -4.88 31.34
CA PRO C 163 14.53 -5.79 30.55
C PRO C 163 15.14 -5.02 29.38
N PRO C 164 16.20 -5.58 28.77
CA PRO C 164 16.88 -4.94 27.64
C PRO C 164 16.00 -4.60 26.44
N THR C 165 14.84 -5.23 26.34
CA THR C 165 13.95 -5.00 25.21
C THR C 165 12.83 -3.99 25.43
N ASN C 166 12.58 -3.60 26.68
CA ASN C 166 11.52 -2.62 26.89
C ASN C 166 11.72 -1.40 26.00
N PRO C 167 10.73 -1.10 25.13
CA PRO C 167 10.80 0.03 24.21
C PRO C 167 11.20 1.36 24.87
N ILE C 168 10.67 1.62 26.06
CA ILE C 168 11.01 2.84 26.76
C ILE C 168 12.49 2.87 27.16
N ARG C 169 13.00 1.73 27.59
CA ARG C 169 14.40 1.66 27.95
C ARG C 169 15.26 1.92 26.72
N LEU C 170 14.84 1.36 25.59
CA LEU C 170 15.56 1.54 24.34
C LEU C 170 15.52 3.00 23.89
N GLY C 171 14.35 3.61 24.00
CA GLY C 171 14.18 4.99 23.62
C GLY C 171 15.11 5.88 24.42
N LEU C 172 15.12 5.68 25.74
CA LEU C 172 15.99 6.45 26.61
C LEU C 172 17.44 6.30 26.19
N ALA C 173 17.87 5.04 26.00
CA ALA C 173 19.21 4.73 25.58
C ALA C 173 19.51 5.39 24.24
N LEU C 174 18.55 5.32 23.32
CA LEU C 174 18.73 5.94 22.02
C LEU C 174 18.95 7.44 22.15
N ASN C 175 18.04 8.10 22.86
CA ASN C 175 18.16 9.54 23.03
C ASN C 175 19.42 9.92 23.81
N PHE C 176 19.77 9.14 24.83
CA PHE C 176 20.95 9.44 25.61
C PHE C 176 22.20 9.37 24.73
N SER C 177 22.24 8.41 23.81
CA SER C 177 23.37 8.27 22.91
C SER C 177 23.43 9.44 21.95
N VAL C 178 22.26 9.88 21.48
CA VAL C 178 22.20 11.04 20.60
C VAL C 178 22.76 12.24 21.34
N PHE C 179 22.46 12.33 22.63
CA PHE C 179 22.94 13.41 23.49
C PHE C 179 24.47 13.46 23.52
N HIS C 180 25.08 12.29 23.65
CA HIS C 180 26.53 12.15 23.68
C HIS C 180 27.20 12.61 22.39
N TYR C 181 26.57 12.31 21.27
CA TYR C 181 27.15 12.64 19.98
C TYR C 181 26.92 14.06 19.50
N GLU C 182 25.65 14.46 19.47
CA GLU C 182 25.25 15.79 19.00
C GLU C 182 25.42 16.90 20.02
N ILE C 183 25.36 16.57 21.30
CA ILE C 183 25.44 17.60 22.32
C ILE C 183 26.65 17.56 23.23
N ALA C 184 26.95 16.39 23.79
CA ALA C 184 28.08 16.24 24.71
C ALA C 184 29.42 16.12 24.00
N ASN C 185 29.37 16.03 22.68
CA ASN C 185 30.58 15.91 21.86
C ASN C 185 31.45 14.71 22.23
N SER C 186 30.84 13.65 22.72
CA SER C 186 31.56 12.44 23.07
C SER C 186 31.06 11.27 22.23
N PRO C 187 31.51 11.21 20.95
CA PRO C 187 31.20 10.20 19.94
C PRO C 187 31.40 8.76 20.39
N GLU C 188 32.61 8.47 20.86
CA GLU C 188 32.95 7.13 21.33
C GLU C 188 31.95 6.63 22.36
N GLU C 189 31.75 7.42 23.42
CA GLU C 189 30.79 7.05 24.45
C GLU C 189 29.38 6.89 23.87
N ALA C 190 29.07 7.73 22.89
CA ALA C 190 27.78 7.68 22.22
C ALA C 190 27.63 6.37 21.44
N ILE C 191 28.73 5.95 20.82
CA ILE C 191 28.73 4.73 20.02
C ILE C 191 28.66 3.47 20.88
N SER C 192 29.42 3.43 21.97
CA SER C 192 29.42 2.26 22.84
C SER C 192 28.06 2.04 23.50
N LEU C 193 27.43 3.13 23.93
CA LEU C 193 26.11 3.01 24.53
C LEU C 193 25.14 2.39 23.54
N ALA C 194 25.14 2.92 22.32
CA ALA C 194 24.26 2.42 21.27
C ALA C 194 24.53 0.95 20.95
N LYS C 195 25.80 0.58 20.81
CA LYS C 195 26.16 -0.81 20.53
C LYS C 195 25.64 -1.73 21.62
N THR C 196 26.06 -1.46 22.85
CA THR C 196 25.65 -2.24 24.00
C THR C 196 24.13 -2.32 24.11
N THR C 197 23.48 -1.16 24.05
CA THR C 197 22.02 -1.10 24.13
C THR C 197 21.38 -2.00 23.10
N PHE C 198 21.97 -2.03 21.91
CA PHE C 198 21.47 -2.85 20.82
C PHE C 198 21.71 -4.34 21.04
N ASP C 199 22.96 -4.69 21.33
CA ASP C 199 23.32 -6.09 21.56
C ASP C 199 22.50 -6.71 22.67
N GLU C 200 22.56 -6.12 23.86
CA GLU C 200 21.82 -6.63 25.00
C GLU C 200 20.35 -6.85 24.67
N ALA C 201 19.86 -6.07 23.71
CA ALA C 201 18.47 -6.19 23.27
C ALA C 201 18.29 -7.45 22.44
N MET C 202 19.29 -7.77 21.63
CA MET C 202 19.28 -8.96 20.78
C MET C 202 19.26 -10.23 21.61
N ALA C 203 20.32 -10.43 22.39
CA ALA C 203 20.45 -11.60 23.25
C ALA C 203 19.37 -11.60 24.32
N ASP C 204 18.12 -11.56 23.87
CA ASP C 204 16.96 -11.52 24.75
C ASP C 204 15.70 -11.40 23.90
N LEU C 205 15.91 -11.13 22.61
CA LEU C 205 14.83 -10.98 21.67
C LEU C 205 14.21 -12.32 21.27
N HIS C 206 15.01 -13.38 21.36
CA HIS C 206 14.56 -14.71 21.01
C HIS C 206 13.39 -15.17 21.89
N THR C 207 13.03 -14.33 22.86
CA THR C 207 11.94 -14.63 23.76
C THR C 207 10.93 -13.50 23.80
N LEU C 208 11.19 -12.46 23.00
CA LEU C 208 10.29 -11.32 22.94
C LEU C 208 9.18 -11.53 21.92
N SER C 209 7.98 -11.83 22.40
CA SER C 209 6.81 -12.04 21.53
C SER C 209 6.35 -10.74 20.88
N GLU C 210 5.67 -10.85 19.74
CA GLU C 210 5.15 -9.67 19.04
C GLU C 210 4.32 -8.79 19.96
N ASP C 211 4.09 -9.29 21.18
CA ASP C 211 3.34 -8.58 22.20
C ASP C 211 4.04 -7.26 22.52
N SER C 212 5.21 -7.08 21.91
CA SER C 212 6.03 -5.89 22.08
C SER C 212 7.26 -5.93 21.17
N TYR C 213 7.41 -7.04 20.44
CA TYR C 213 8.53 -7.21 19.52
C TYR C 213 8.62 -6.06 18.54
N LYS C 214 7.47 -5.73 17.95
CA LYS C 214 7.38 -4.64 17.00
C LYS C 214 8.02 -3.38 17.55
N ASP C 215 7.58 -2.99 18.74
CA ASP C 215 8.08 -1.81 19.43
C ASP C 215 9.61 -1.76 19.43
N SER C 216 10.21 -2.67 20.17
CA SER C 216 11.66 -2.75 20.28
C SER C 216 12.36 -2.80 18.93
N THR C 217 11.81 -3.59 18.02
CA THR C 217 12.37 -3.73 16.68
C THR C 217 12.48 -2.39 15.97
N LEU C 218 11.47 -1.55 16.18
CA LEU C 218 11.46 -0.23 15.56
C LEU C 218 12.59 0.64 16.10
N ILE C 219 12.76 0.62 17.42
CA ILE C 219 13.80 1.39 18.05
C ILE C 219 15.19 0.78 17.79
N MET C 220 15.27 -0.54 17.79
CA MET C 220 16.54 -1.19 17.52
C MET C 220 17.10 -0.74 16.18
N GLN C 221 16.19 -0.51 15.23
CA GLN C 221 16.59 -0.05 13.90
C GLN C 221 17.23 1.32 13.95
N LEU C 222 16.61 2.21 14.73
CA LEU C 222 17.12 3.57 14.88
C LEU C 222 18.50 3.60 15.52
N LEU C 223 18.79 2.60 16.35
CA LEU C 223 20.09 2.52 17.00
C LEU C 223 21.18 2.15 16.00
N ARG C 224 20.87 1.22 15.11
CA ARG C 224 21.83 0.80 14.10
C ARG C 224 22.03 1.88 13.03
N ASP C 225 20.96 2.61 12.71
CA ASP C 225 21.05 3.69 11.74
C ASP C 225 21.99 4.77 12.24
N ASN C 226 21.88 5.08 13.54
CA ASN C 226 22.74 6.08 14.16
C ASN C 226 24.15 5.52 14.24
N LEU C 227 24.24 4.23 14.57
CA LEU C 227 25.52 3.57 14.66
C LEU C 227 26.22 3.63 13.31
N THR C 228 25.44 3.39 12.27
CA THR C 228 25.95 3.44 10.90
C THR C 228 26.36 4.85 10.49
N LEU C 229 25.54 5.84 10.83
CA LEU C 229 25.85 7.22 10.46
C LEU C 229 27.00 7.81 11.26
N TRP C 230 27.19 7.33 12.49
CA TRP C 230 28.27 7.83 13.33
C TRP C 230 29.61 7.20 12.95
N THR C 231 29.56 6.30 11.96
CA THR C 231 30.75 5.61 11.47
C THR C 231 30.89 5.70 9.95
#